data_3FQA
#
_entry.id   3FQA
#
_cell.length_a   67.938
_cell.length_b   107.868
_cell.length_c   123.066
_cell.angle_alpha   90.00
_cell.angle_beta   90.00
_cell.angle_gamma   90.00
#
_symmetry.space_group_name_H-M   'P 21 21 21'
#
loop_
_entity.id
_entity.type
_entity.pdbx_description
1 polymer 'Glutamate-1-semialdehyde 2,1-aminomutase'
2 non-polymer "4'-DEOXY-4'-AMINOPYRIDOXAL-5'-PHOSPHATE"
3 non-polymer '3-AMINOBENZOIC ACID'
4 water water
#
_entity_poly.entity_id   1
_entity_poly.type   'polypeptide(L)'
_entity_poly.pdbx_seq_one_letter_code
;FKTIKSDEIFAAAQKLMPGGVSSPVRAFKSVGGQPIVFDRVKDAYAWDVDGNRYIDYVGTWGPAICGHAHPEVIEALKVA
MEKGTSFGAPCALENVLAEMVNDAVPSIEMVRFVNSGTEACMAVLRLMRAYTGRDKIIKFEGCYHGHADMFLVKAGSGVA
TLGLPSSPGVPKKTTANTLTTPYNDLEAVKALFAENPGEIAGVILEPIVGNSGFIVPDAGFLEGLREITLEHDALLVFDE
VITGFRIAYGGVQEKFGVTPDLTTLGKIIGGGLPVGAYGGKREIMQLVAPAGPMYQAGTLSGNPLAMTAGIKTLELLRQP
GTYEYLDQITKRLSDGLLAIAQETGHAACGGQVSGMFGFFFTEGPVHNYEDAKKSDLQKFSRFHRGMLEQGIYLAPSQFE
AGFTSLAHTEEDIDATLAAARTVMSAL
;
_entity_poly.pdbx_strand_id   A,B
#
loop_
_chem_comp.id
_chem_comp.type
_chem_comp.name
_chem_comp.formula
GAB non-polymer '3-AMINOBENZOIC ACID' 'C7 H7 N O2'
PMP non-polymer 4'-DEOXY-4'-AMINOPYRIDOXAL-5'-PHOSPHATE 'C8 H13 N2 O5 P'
#
# COMPACT_ATOMS: atom_id res chain seq x y z
N LYS A 2 15.83 -0.09 -32.07
CA LYS A 2 16.85 -0.66 -31.13
C LYS A 2 16.43 -0.51 -29.68
N THR A 3 16.68 -1.56 -28.90
CA THR A 3 16.33 -1.58 -27.49
C THR A 3 17.49 -2.13 -26.68
N ILE A 4 18.70 -1.83 -27.12
CA ILE A 4 19.92 -2.30 -26.45
C ILE A 4 19.98 -2.02 -24.95
N LYS A 5 19.80 -0.76 -24.56
CA LYS A 5 19.86 -0.42 -23.16
C LYS A 5 18.76 -1.07 -22.32
N SER A 6 17.58 -1.24 -22.89
CA SER A 6 16.50 -1.88 -22.16
C SER A 6 16.84 -3.35 -21.90
N ASP A 7 17.29 -4.05 -22.93
CA ASP A 7 17.64 -5.47 -22.79
C ASP A 7 18.71 -5.65 -21.72
N GLU A 8 19.66 -4.73 -21.71
CA GLU A 8 20.75 -4.78 -20.74
C GLU A 8 20.24 -4.58 -19.31
N ILE A 9 19.40 -3.58 -19.11
CA ILE A 9 18.87 -3.30 -17.79
C ILE A 9 17.91 -4.38 -17.31
N PHE A 10 17.09 -4.90 -18.22
CA PHE A 10 16.13 -5.94 -17.85
C PHE A 10 16.86 -7.23 -17.49
N ALA A 11 17.93 -7.53 -18.22
CA ALA A 11 18.71 -8.73 -17.96
C ALA A 11 19.24 -8.68 -16.53
N ALA A 12 19.80 -7.54 -16.14
CA ALA A 12 20.34 -7.37 -14.80
C ALA A 12 19.22 -7.44 -13.76
N ALA A 13 18.09 -6.83 -14.09
CA ALA A 13 16.95 -6.81 -13.18
C ALA A 13 16.45 -8.20 -12.80
N GLN A 14 16.56 -9.15 -13.72
CA GLN A 14 16.09 -10.51 -13.46
C GLN A 14 16.87 -11.24 -12.39
N LYS A 15 18.03 -10.72 -12.04
CA LYS A 15 18.86 -11.35 -11.02
C LYS A 15 18.59 -10.72 -9.66
N LEU A 16 17.97 -9.55 -9.67
CA LEU A 16 17.70 -8.82 -8.44
C LEU A 16 16.25 -8.92 -7.95
N MET A 17 15.33 -9.01 -8.90
CA MET A 17 13.92 -9.07 -8.56
C MET A 17 13.19 -10.19 -9.30
N PRO A 18 12.16 -10.78 -8.67
CA PRO A 18 11.39 -11.86 -9.30
C PRO A 18 10.90 -11.47 -10.70
N GLY A 19 11.37 -12.18 -11.72
CA GLY A 19 10.95 -11.85 -13.07
C GLY A 19 11.51 -10.54 -13.55
N GLY A 20 12.34 -9.90 -12.72
CA GLY A 20 12.95 -8.64 -13.10
C GLY A 20 12.01 -7.44 -13.10
N VAL A 21 10.89 -7.55 -12.39
CA VAL A 21 9.92 -6.46 -12.32
C VAL A 21 9.27 -6.28 -10.93
N SER A 22 8.71 -5.10 -10.68
CA SER A 22 8.02 -4.85 -9.42
C SER A 22 6.55 -5.24 -9.53
N SER A 23 6.12 -5.58 -10.75
CA SER A 23 4.73 -5.98 -11.00
C SER A 23 4.65 -6.86 -12.26
N PRO A 24 4.04 -8.05 -12.14
CA PRO A 24 3.84 -9.07 -13.18
C PRO A 24 3.57 -8.61 -14.61
N VAL A 25 2.56 -7.78 -14.81
CA VAL A 25 2.22 -7.33 -16.15
C VAL A 25 3.34 -6.62 -16.90
N ARG A 26 4.21 -5.91 -16.17
CA ARG A 26 5.30 -5.22 -16.84
C ARG A 26 6.18 -6.24 -17.53
N ALA A 27 5.96 -7.51 -17.23
CA ALA A 27 6.77 -8.62 -17.76
C ALA A 27 6.83 -8.86 -19.26
N PHE A 28 5.78 -8.49 -20.00
CA PHE A 28 5.79 -8.70 -21.46
C PHE A 28 5.78 -10.19 -21.85
N LYS A 29 5.55 -11.05 -20.88
CA LYS A 29 5.53 -12.49 -21.11
C LYS A 29 4.65 -12.93 -22.28
N SER A 30 3.42 -12.42 -22.32
CA SER A 30 2.48 -12.80 -23.37
C SER A 30 2.60 -11.98 -24.65
N VAL A 31 3.67 -11.23 -24.81
CA VAL A 31 3.81 -10.43 -26.03
C VAL A 31 5.19 -10.53 -26.68
N GLY A 32 6.06 -11.36 -26.13
CA GLY A 32 7.39 -11.49 -26.70
C GLY A 32 8.45 -11.69 -25.65
N GLY A 33 8.34 -10.95 -24.55
CA GLY A 33 9.30 -11.07 -23.48
C GLY A 33 10.34 -9.97 -23.37
N GLN A 34 10.28 -8.98 -24.25
CA GLN A 34 11.25 -7.90 -24.20
C GLN A 34 10.67 -6.55 -23.77
N PRO A 35 10.55 -6.32 -22.45
CA PRO A 35 10.01 -5.07 -21.91
C PRO A 35 10.94 -3.91 -22.25
N ILE A 36 10.37 -2.71 -22.36
CA ILE A 36 11.22 -1.56 -22.62
C ILE A 36 11.30 -0.78 -21.30
N VAL A 37 12.47 -0.27 -20.99
CA VAL A 37 12.71 0.46 -19.76
C VAL A 37 12.54 1.97 -19.96
N PHE A 38 11.59 2.56 -19.25
CA PHE A 38 11.32 3.98 -19.38
C PHE A 38 12.38 4.85 -18.70
N ASP A 39 12.59 6.05 -19.22
CA ASP A 39 13.53 7.00 -18.64
C ASP A 39 12.75 8.19 -18.10
N ARG A 40 11.75 8.64 -18.85
CA ARG A 40 10.93 9.78 -18.45
C ARG A 40 9.61 9.79 -19.21
N VAL A 41 8.64 10.53 -18.68
CA VAL A 41 7.33 10.68 -19.31
C VAL A 41 6.91 12.14 -19.22
N LYS A 42 6.11 12.59 -20.18
CA LYS A 42 5.63 13.96 -20.17
C LYS A 42 4.44 14.10 -21.11
N ASP A 43 3.39 14.75 -20.62
CA ASP A 43 2.18 14.96 -21.39
C ASP A 43 1.63 13.62 -21.86
N ALA A 44 1.63 13.36 -23.17
CA ALA A 44 1.11 12.10 -23.67
C ALA A 44 2.18 11.12 -24.13
N TYR A 45 3.45 11.47 -23.88
CA TYR A 45 4.55 10.63 -24.34
C TYR A 45 5.40 9.98 -23.26
N ALA A 46 6.17 8.98 -23.68
CA ALA A 46 7.07 8.26 -22.80
C ALA A 46 8.34 8.11 -23.62
N TRP A 47 9.48 8.15 -22.95
CA TRP A 47 10.75 8.02 -23.64
C TRP A 47 11.54 6.84 -23.13
N ASP A 48 12.13 6.13 -24.08
CA ASP A 48 12.97 4.97 -23.85
C ASP A 48 14.30 5.33 -23.21
N VAL A 49 14.97 4.32 -22.68
CA VAL A 49 16.27 4.48 -22.10
C VAL A 49 17.22 4.48 -23.32
N ASP A 50 16.66 4.16 -24.48
CA ASP A 50 17.38 4.13 -25.75
C ASP A 50 17.07 5.36 -26.59
N GLY A 51 16.23 6.25 -26.08
CA GLY A 51 15.90 7.44 -26.83
C GLY A 51 14.64 7.34 -27.67
N ASN A 52 13.99 6.18 -27.71
CA ASN A 52 12.76 6.06 -28.49
C ASN A 52 11.64 6.77 -27.76
N ARG A 53 10.85 7.52 -28.52
CA ARG A 53 9.72 8.26 -27.97
C ARG A 53 8.44 7.53 -28.35
N TYR A 54 7.47 7.47 -27.44
CA TYR A 54 6.21 6.79 -27.72
C TYR A 54 5.01 7.63 -27.33
N ILE A 55 3.90 7.38 -28.00
CA ILE A 55 2.65 8.05 -27.63
C ILE A 55 2.08 6.99 -26.70
N ASP A 56 1.99 7.34 -25.42
CA ASP A 56 1.54 6.44 -24.36
C ASP A 56 0.03 6.26 -24.17
N TYR A 57 -0.43 5.02 -24.20
CA TYR A 57 -1.85 4.71 -24.01
C TYR A 57 -2.08 3.89 -22.75
N VAL A 58 -1.07 3.87 -21.88
CA VAL A 58 -1.16 3.15 -20.61
C VAL A 58 -1.31 4.16 -19.46
N GLY A 59 -0.66 5.31 -19.60
CA GLY A 59 -0.73 6.36 -18.57
C GLY A 59 -0.49 5.82 -17.17
N THR A 60 0.63 5.11 -17.02
CA THR A 60 1.04 4.48 -15.77
C THR A 60 -0.14 3.72 -15.12
N TRP A 61 -0.97 3.17 -15.99
CA TRP A 61 -2.14 2.38 -15.63
C TRP A 61 -3.33 3.10 -15.02
N GLY A 62 -3.57 4.34 -15.46
CA GLY A 62 -4.73 5.06 -14.98
C GLY A 62 -4.54 6.43 -14.35
N PRO A 63 -3.54 6.59 -13.48
CA PRO A 63 -3.28 7.87 -12.82
C PRO A 63 -3.10 9.13 -13.67
N ALA A 64 -2.37 9.01 -14.78
CA ALA A 64 -2.07 10.17 -15.64
C ALA A 64 -3.17 10.71 -16.57
N ILE A 65 -4.38 10.82 -16.06
CA ILE A 65 -5.49 11.33 -16.85
C ILE A 65 -5.29 12.78 -17.32
N CYS A 66 -4.53 13.56 -16.55
CA CYS A 66 -4.25 14.95 -16.91
C CYS A 66 -2.97 15.03 -17.74
N GLY A 67 -2.37 13.88 -18.01
CA GLY A 67 -1.13 13.89 -18.76
C GLY A 67 0.02 13.67 -17.79
N HIS A 68 1.13 13.14 -18.28
CA HIS A 68 2.29 12.89 -17.44
C HIS A 68 2.96 14.19 -17.00
N ALA A 69 3.55 14.18 -15.81
CA ALA A 69 4.26 15.34 -15.27
C ALA A 69 3.56 16.67 -15.54
N HIS A 70 2.28 16.75 -15.21
CA HIS A 70 1.55 17.98 -15.42
C HIS A 70 2.24 19.11 -14.66
N PRO A 71 2.52 20.23 -15.34
CA PRO A 71 3.19 21.39 -14.74
C PRO A 71 2.60 21.87 -13.42
N GLU A 72 1.28 21.90 -13.30
CA GLU A 72 0.67 22.38 -12.07
C GLU A 72 0.75 21.39 -10.94
N VAL A 73 0.76 20.10 -11.26
CA VAL A 73 0.87 19.08 -10.23
C VAL A 73 2.30 19.09 -9.70
N ILE A 74 3.25 19.14 -10.62
CA ILE A 74 4.67 19.15 -10.27
C ILE A 74 4.99 20.37 -9.41
N GLU A 75 4.50 21.53 -9.84
CA GLU A 75 4.74 22.78 -9.12
C GLU A 75 4.16 22.71 -7.71
N ALA A 76 2.96 22.16 -7.57
CA ALA A 76 2.33 22.03 -6.26
C ALA A 76 3.11 21.09 -5.36
N LEU A 77 3.72 20.06 -5.97
CA LEU A 77 4.51 19.10 -5.21
C LEU A 77 5.83 19.72 -4.74
N LYS A 78 6.49 20.49 -5.60
CA LYS A 78 7.76 21.12 -5.21
C LYS A 78 7.57 22.02 -4.00
N VAL A 79 6.50 22.81 -4.02
CA VAL A 79 6.22 23.70 -2.90
C VAL A 79 5.90 22.92 -1.63
N ALA A 80 5.05 21.91 -1.74
CA ALA A 80 4.67 21.13 -0.59
C ALA A 80 5.80 20.36 0.09
N MET A 81 6.66 19.73 -0.68
CA MET A 81 7.73 18.96 -0.05
C MET A 81 8.73 19.77 0.75
N GLU A 82 8.69 21.09 0.60
CA GLU A 82 9.60 21.93 1.35
C GLU A 82 9.19 21.84 2.82
N LYS A 83 7.94 21.46 3.05
CA LYS A 83 7.40 21.33 4.41
C LYS A 83 7.56 19.92 4.98
N GLY A 84 8.14 19.02 4.19
CA GLY A 84 8.31 17.65 4.66
C GLY A 84 7.40 16.72 3.89
N THR A 85 7.85 15.48 3.67
CA THR A 85 7.06 14.53 2.89
C THR A 85 6.06 13.68 3.68
N SER A 86 6.29 13.53 4.99
CA SER A 86 5.41 12.71 5.81
C SER A 86 5.38 13.22 7.26
N PHE A 87 4.20 13.25 7.87
CA PHE A 87 4.06 13.75 9.24
C PHE A 87 3.78 12.67 10.28
N GLY A 88 2.89 11.73 9.96
CA GLY A 88 2.56 10.69 10.93
C GLY A 88 1.58 11.25 11.94
N ALA A 89 0.97 12.37 11.56
CA ALA A 89 -0.02 13.06 12.39
C ALA A 89 -0.95 13.72 11.41
N PRO A 90 -2.14 14.17 11.86
CA PRO A 90 -3.12 14.83 11.00
C PRO A 90 -2.60 16.12 10.37
N CYS A 91 -3.07 16.41 9.16
CA CYS A 91 -2.72 17.64 8.47
C CYS A 91 -3.97 18.16 7.78
N ALA A 92 -4.03 19.47 7.57
CA ALA A 92 -5.19 20.10 6.95
C ALA A 92 -5.54 19.54 5.57
N LEU A 93 -4.52 19.18 4.79
CA LEU A 93 -4.76 18.65 3.45
C LEU A 93 -5.62 17.39 3.41
N GLU A 94 -5.62 16.60 4.49
CA GLU A 94 -6.45 15.39 4.52
C GLU A 94 -7.91 15.79 4.51
N ASN A 95 -8.24 16.85 5.26
CA ASN A 95 -9.59 17.38 5.31
C ASN A 95 -10.04 17.85 3.93
N VAL A 96 -9.17 18.57 3.24
CA VAL A 96 -9.49 19.09 1.91
C VAL A 96 -9.82 18.00 0.89
N LEU A 97 -8.93 17.02 0.73
CA LEU A 97 -9.16 15.95 -0.22
C LEU A 97 -10.40 15.14 0.16
N ALA A 98 -10.56 14.86 1.44
CA ALA A 98 -11.69 14.07 1.93
C ALA A 98 -12.99 14.73 1.54
N GLU A 99 -13.06 16.04 1.73
CA GLU A 99 -14.25 16.80 1.40
C GLU A 99 -14.49 16.78 -0.11
N MET A 100 -13.42 16.91 -0.89
CA MET A 100 -13.53 16.89 -2.35
C MET A 100 -14.06 15.54 -2.83
N VAL A 101 -13.60 14.46 -2.20
CA VAL A 101 -14.04 13.14 -2.59
C VAL A 101 -15.51 12.93 -2.23
N ASN A 102 -15.93 13.41 -1.06
CA ASN A 102 -17.33 13.26 -0.64
C ASN A 102 -18.27 13.98 -1.60
N ASP A 103 -17.89 15.17 -2.04
CA ASP A 103 -18.74 15.91 -2.97
C ASP A 103 -18.78 15.23 -4.33
N ALA A 104 -17.65 14.66 -4.75
CA ALA A 104 -17.55 14.01 -6.04
C ALA A 104 -18.25 12.67 -6.19
N VAL A 105 -18.12 11.80 -5.18
CA VAL A 105 -18.71 10.47 -5.28
C VAL A 105 -20.01 10.30 -4.52
N PRO A 106 -21.11 10.04 -5.25
CA PRO A 106 -22.46 9.86 -4.71
C PRO A 106 -22.55 9.05 -3.41
N SER A 107 -22.13 7.80 -3.46
CA SER A 107 -22.19 6.92 -2.30
C SER A 107 -21.27 7.21 -1.13
N ILE A 108 -20.29 8.10 -1.33
CA ILE A 108 -19.34 8.39 -0.25
C ILE A 108 -19.74 9.52 0.68
N GLU A 109 -20.04 9.18 1.93
CA GLU A 109 -20.43 10.18 2.93
C GLU A 109 -19.30 10.36 3.94
N MET A 110 -18.44 9.35 4.02
CA MET A 110 -17.30 9.36 4.92
C MET A 110 -16.20 8.57 4.21
N VAL A 111 -14.95 9.06 4.26
CA VAL A 111 -13.81 8.42 3.58
C VAL A 111 -12.63 8.12 4.48
N ARG A 112 -11.86 7.12 4.09
CA ARG A 112 -10.64 6.71 4.77
C ARG A 112 -9.56 6.52 3.72
N PHE A 113 -8.46 7.24 3.87
CA PHE A 113 -7.35 7.12 2.92
C PHE A 113 -6.39 6.00 3.29
N VAL A 114 -5.93 5.28 2.27
CA VAL A 114 -4.96 4.21 2.42
C VAL A 114 -3.86 4.45 1.38
N ASN A 115 -2.97 3.48 1.17
CA ASN A 115 -1.88 3.71 0.22
C ASN A 115 -1.95 3.05 -1.15
N SER A 116 -2.97 2.25 -1.40
CA SER A 116 -3.11 1.59 -2.70
C SER A 116 -4.51 0.99 -2.85
N GLY A 117 -4.82 0.60 -4.08
CA GLY A 117 -6.12 -0.01 -4.36
C GLY A 117 -6.23 -1.33 -3.63
N THR A 118 -5.11 -2.02 -3.50
CA THR A 118 -5.07 -3.30 -2.81
C THR A 118 -5.47 -3.13 -1.34
N GLU A 119 -4.91 -2.12 -0.69
CA GLU A 119 -5.24 -1.87 0.71
C GLU A 119 -6.72 -1.50 0.84
N ALA A 120 -7.22 -0.67 -0.09
CA ALA A 120 -8.61 -0.26 -0.05
C ALA A 120 -9.59 -1.43 -0.21
N CYS A 121 -9.33 -2.29 -1.19
CA CYS A 121 -10.19 -3.43 -1.43
C CYS A 121 -10.15 -4.42 -0.28
N MET A 122 -8.98 -4.55 0.33
CA MET A 122 -8.77 -5.45 1.46
C MET A 122 -9.59 -4.95 2.65
N ALA A 123 -9.56 -3.64 2.88
CA ALA A 123 -10.30 -3.04 3.98
C ALA A 123 -11.81 -3.16 3.75
N VAL A 124 -12.23 -2.93 2.51
CA VAL A 124 -13.63 -3.00 2.16
C VAL A 124 -14.22 -4.41 2.30
N LEU A 125 -13.40 -5.45 2.09
CA LEU A 125 -13.90 -6.80 2.25
C LEU A 125 -14.17 -7.01 3.74
N ARG A 126 -13.17 -6.70 4.55
CA ARG A 126 -13.28 -6.87 5.98
C ARG A 126 -14.49 -6.09 6.51
N LEU A 127 -14.69 -4.90 5.99
CA LEU A 127 -15.81 -4.06 6.39
C LEU A 127 -17.16 -4.67 5.97
N MET A 128 -17.24 -5.23 4.77
CA MET A 128 -18.46 -5.86 4.30
C MET A 128 -18.95 -6.91 5.30
N ARG A 129 -18.01 -7.74 5.74
CA ARG A 129 -18.29 -8.81 6.68
C ARG A 129 -18.62 -8.34 8.08
N ALA A 130 -17.85 -7.38 8.58
CA ALA A 130 -18.07 -6.86 9.92
C ALA A 130 -19.45 -6.21 10.04
N TYR A 131 -19.86 -5.49 9.01
CA TYR A 131 -21.15 -4.82 9.03
C TYR A 131 -22.38 -5.72 8.86
N THR A 132 -22.27 -6.76 8.05
CA THR A 132 -23.38 -7.67 7.81
C THR A 132 -23.37 -8.87 8.75
N GLY A 133 -22.20 -9.20 9.29
CA GLY A 133 -22.10 -10.34 10.17
C GLY A 133 -22.08 -11.63 9.38
N ARG A 134 -21.95 -11.51 8.06
CA ARG A 134 -21.91 -12.66 7.15
C ARG A 134 -20.50 -12.83 6.58
N ASP A 135 -20.16 -14.05 6.15
CA ASP A 135 -18.82 -14.32 5.64
C ASP A 135 -18.60 -14.45 4.14
N LYS A 136 -19.63 -14.86 3.40
CA LYS A 136 -19.47 -15.04 1.96
C LYS A 136 -19.55 -13.77 1.14
N ILE A 137 -18.72 -13.71 0.10
CA ILE A 137 -18.67 -12.58 -0.81
C ILE A 137 -18.81 -13.09 -2.24
N ILE A 138 -19.44 -12.30 -3.10
CA ILE A 138 -19.58 -12.68 -4.49
C ILE A 138 -18.71 -11.76 -5.35
N LYS A 139 -17.86 -12.36 -6.20
CA LYS A 139 -17.03 -11.58 -7.10
C LYS A 139 -17.19 -12.20 -8.50
N PHE A 140 -16.81 -11.47 -9.52
CA PHE A 140 -16.94 -11.97 -10.89
C PHE A 140 -15.63 -12.43 -11.53
N GLU A 141 -15.74 -13.42 -12.41
CA GLU A 141 -14.58 -13.97 -13.12
C GLU A 141 -14.01 -12.91 -14.05
N GLY A 142 -12.70 -12.69 -13.96
CA GLY A 142 -12.07 -11.71 -14.82
C GLY A 142 -11.87 -10.36 -14.18
N CYS A 143 -12.43 -10.17 -12.99
CA CYS A 143 -12.27 -8.91 -12.26
C CYS A 143 -11.07 -9.00 -11.34
N TYR A 144 -10.44 -7.86 -11.08
CA TYR A 144 -9.27 -7.82 -10.20
C TYR A 144 -9.44 -6.78 -9.10
N HIS A 145 -9.31 -7.20 -7.84
CA HIS A 145 -9.46 -6.28 -6.71
C HIS A 145 -8.25 -6.34 -5.79
N GLY A 146 -7.05 -6.30 -6.38
CA GLY A 146 -5.84 -6.35 -5.59
C GLY A 146 -5.46 -7.77 -5.27
N HIS A 147 -4.36 -7.96 -4.55
CA HIS A 147 -3.92 -9.31 -4.22
C HIS A 147 -4.22 -9.84 -2.83
N ALA A 148 -5.31 -9.37 -2.22
CA ALA A 148 -5.69 -9.89 -0.90
C ALA A 148 -6.11 -11.34 -1.18
N ASP A 149 -5.81 -12.25 -0.25
CA ASP A 149 -6.12 -13.68 -0.40
C ASP A 149 -7.47 -14.08 -0.95
N MET A 150 -8.56 -13.63 -0.33
CA MET A 150 -9.89 -13.98 -0.79
C MET A 150 -10.18 -13.57 -2.23
N PHE A 151 -9.39 -12.62 -2.74
CA PHE A 151 -9.58 -12.13 -4.10
C PHE A 151 -8.85 -12.95 -5.17
N LEU A 152 -7.82 -13.70 -4.78
CA LEU A 152 -7.07 -14.51 -5.75
C LEU A 152 -7.85 -15.73 -6.27
N VAL A 153 -9.07 -15.49 -6.76
CA VAL A 153 -9.95 -16.52 -7.29
C VAL A 153 -10.51 -16.04 -8.64
N LYS A 154 -10.19 -16.75 -9.72
CA LYS A 154 -10.65 -16.36 -11.06
C LYS A 154 -10.31 -14.90 -11.31
N ALA A 155 -9.12 -14.50 -10.84
CA ALA A 155 -8.65 -13.12 -11.00
C ALA A 155 -8.29 -12.78 -12.44
N GLY A 156 -8.47 -11.51 -12.79
CA GLY A 156 -8.14 -11.04 -14.12
C GLY A 156 -6.76 -10.39 -14.08
N SER A 157 -6.58 -9.33 -14.86
CA SER A 157 -5.32 -8.61 -14.90
C SER A 157 -4.15 -9.54 -15.21
N GLY A 158 -3.08 -9.42 -14.43
CA GLY A 158 -1.89 -10.24 -14.62
C GLY A 158 -2.15 -11.74 -14.65
N VAL A 159 -2.80 -12.26 -13.60
CA VAL A 159 -3.10 -13.68 -13.53
C VAL A 159 -3.66 -14.18 -14.86
N ALA A 160 -4.55 -13.40 -15.44
CA ALA A 160 -5.17 -13.72 -16.73
C ALA A 160 -4.12 -13.70 -17.84
N THR A 161 -3.38 -12.60 -17.91
CA THR A 161 -2.34 -12.42 -18.91
C THR A 161 -1.31 -13.53 -18.88
N LEU A 162 -0.90 -13.90 -17.68
CA LEU A 162 0.09 -14.94 -17.48
C LEU A 162 -0.53 -16.34 -17.46
N GLY A 163 -1.84 -16.42 -17.68
CA GLY A 163 -2.51 -17.71 -17.67
C GLY A 163 -2.25 -18.48 -16.38
N LEU A 164 -2.27 -17.76 -15.26
CA LEU A 164 -2.04 -18.37 -13.95
C LEU A 164 -3.35 -18.85 -13.31
N PRO A 165 -3.27 -19.88 -12.46
CA PRO A 165 -4.44 -20.45 -11.76
C PRO A 165 -4.68 -19.66 -10.47
N SER A 166 -5.71 -20.02 -9.72
CA SER A 166 -5.96 -19.34 -8.45
C SER A 166 -4.64 -19.52 -7.71
N SER A 167 -4.07 -18.40 -7.25
CA SER A 167 -2.78 -18.40 -6.55
C SER A 167 -2.62 -19.39 -5.40
N PRO A 168 -1.39 -19.92 -5.24
CA PRO A 168 -1.05 -20.87 -4.18
C PRO A 168 -0.77 -20.08 -2.90
N GLY A 169 -0.55 -20.78 -1.80
CA GLY A 169 -0.25 -20.11 -0.54
C GLY A 169 -1.47 -19.51 0.14
N VAL A 170 -2.66 -19.76 -0.40
CA VAL A 170 -3.88 -19.24 0.18
C VAL A 170 -4.69 -20.39 0.77
N PRO A 171 -4.84 -20.41 2.11
CA PRO A 171 -5.59 -21.47 2.81
C PRO A 171 -6.95 -21.75 2.16
N LYS A 172 -7.26 -23.03 2.02
CA LYS A 172 -8.53 -23.44 1.44
C LYS A 172 -9.67 -22.83 2.25
N LYS A 173 -9.46 -22.72 3.55
CA LYS A 173 -10.45 -22.15 4.47
C LYS A 173 -10.94 -20.77 4.02
N THR A 174 -9.99 -19.88 3.73
CA THR A 174 -10.30 -18.51 3.33
C THR A 174 -10.89 -18.37 1.93
N THR A 175 -10.36 -19.15 1.00
CA THR A 175 -10.82 -19.11 -0.39
C THR A 175 -12.25 -19.65 -0.51
N ALA A 176 -12.63 -20.51 0.43
CA ALA A 176 -13.95 -21.11 0.43
C ALA A 176 -15.08 -20.11 0.64
N ASN A 177 -14.75 -18.89 1.03
CA ASN A 177 -15.78 -17.88 1.25
C ASN A 177 -15.96 -16.95 0.08
N THR A 178 -15.29 -17.23 -1.02
CA THR A 178 -15.41 -16.40 -2.20
C THR A 178 -16.21 -17.15 -3.24
N LEU A 179 -17.41 -16.63 -3.54
CA LEU A 179 -18.28 -17.23 -4.55
C LEU A 179 -18.07 -16.43 -5.83
N THR A 180 -18.02 -17.12 -6.97
CA THR A 180 -17.82 -16.42 -8.24
C THR A 180 -18.95 -16.67 -9.21
N THR A 181 -19.05 -15.80 -10.21
CA THR A 181 -20.06 -15.91 -11.23
C THR A 181 -19.56 -15.14 -12.45
N PRO A 182 -20.06 -15.48 -13.65
CA PRO A 182 -19.60 -14.76 -14.83
C PRO A 182 -20.13 -13.33 -14.79
N TYR A 183 -19.37 -12.40 -15.38
CA TYR A 183 -19.77 -10.99 -15.43
C TYR A 183 -21.02 -10.88 -16.30
N ASN A 184 -21.88 -9.90 -16.02
CA ASN A 184 -23.09 -9.70 -16.81
C ASN A 184 -24.12 -10.82 -16.71
N ASP A 185 -23.98 -11.70 -15.74
CA ASP A 185 -24.93 -12.80 -15.58
C ASP A 185 -25.77 -12.66 -14.31
N LEU A 186 -26.93 -12.02 -14.41
CA LEU A 186 -27.79 -11.85 -13.25
C LEU A 186 -28.30 -13.15 -12.67
N GLU A 187 -28.76 -14.05 -13.53
CA GLU A 187 -29.29 -15.34 -13.11
C GLU A 187 -28.32 -16.13 -12.24
N ALA A 188 -27.04 -16.12 -12.61
CA ALA A 188 -26.04 -16.83 -11.84
C ALA A 188 -25.94 -16.21 -10.45
N VAL A 189 -26.13 -14.90 -10.36
CA VAL A 189 -26.05 -14.22 -9.09
C VAL A 189 -27.25 -14.58 -8.20
N LYS A 190 -28.44 -14.58 -8.79
CA LYS A 190 -29.65 -14.93 -8.03
C LYS A 190 -29.50 -16.34 -7.46
N ALA A 191 -29.00 -17.26 -8.28
CA ALA A 191 -28.81 -18.65 -7.86
C ALA A 191 -27.88 -18.74 -6.64
N LEU A 192 -26.82 -17.95 -6.63
CA LEU A 192 -25.88 -17.95 -5.52
C LEU A 192 -26.54 -17.55 -4.20
N PHE A 193 -27.47 -16.60 -4.27
CA PHE A 193 -28.18 -16.17 -3.06
C PHE A 193 -29.16 -17.25 -2.62
N ALA A 194 -29.98 -17.70 -3.56
CA ALA A 194 -30.98 -18.74 -3.29
C ALA A 194 -30.30 -19.95 -2.67
N GLU A 195 -29.09 -20.23 -3.11
CA GLU A 195 -28.34 -21.37 -2.62
C GLU A 195 -27.59 -21.11 -1.31
N ASN A 196 -27.46 -19.84 -0.93
CA ASN A 196 -26.74 -19.50 0.30
C ASN A 196 -27.53 -18.49 1.14
N PRO A 197 -28.78 -18.83 1.49
CA PRO A 197 -29.59 -17.91 2.29
C PRO A 197 -28.92 -17.41 3.57
N GLY A 198 -28.96 -16.09 3.76
CA GLY A 198 -28.38 -15.46 4.94
C GLY A 198 -26.89 -15.61 5.16
N GLU A 199 -26.12 -15.73 4.08
CA GLU A 199 -24.68 -15.88 4.24
C GLU A 199 -23.87 -14.95 3.34
N ILE A 200 -24.54 -14.26 2.42
CA ILE A 200 -23.84 -13.34 1.54
C ILE A 200 -23.77 -11.94 2.11
N ALA A 201 -22.56 -11.49 2.42
CA ALA A 201 -22.34 -10.15 2.94
C ALA A 201 -22.64 -9.14 1.84
N GLY A 202 -22.24 -9.49 0.62
CA GLY A 202 -22.48 -8.59 -0.50
C GLY A 202 -21.74 -8.95 -1.78
N VAL A 203 -21.88 -8.09 -2.77
CA VAL A 203 -21.25 -8.29 -4.06
C VAL A 203 -20.28 -7.16 -4.39
N ILE A 204 -19.10 -7.51 -4.89
CA ILE A 204 -18.11 -6.50 -5.26
C ILE A 204 -17.75 -6.72 -6.72
N LEU A 205 -17.66 -5.64 -7.50
CA LEU A 205 -17.31 -5.75 -8.91
C LEU A 205 -16.78 -4.46 -9.48
N GLU A 206 -16.20 -4.56 -10.67
CA GLU A 206 -15.71 -3.39 -11.39
C GLU A 206 -16.95 -2.94 -12.17
N PRO A 207 -17.53 -1.76 -11.83
CA PRO A 207 -18.73 -1.22 -12.50
C PRO A 207 -18.60 -1.30 -14.02
N ILE A 208 -17.37 -1.11 -14.50
CA ILE A 208 -17.02 -1.24 -15.91
C ILE A 208 -15.69 -1.97 -15.77
N VAL A 209 -15.58 -3.12 -16.41
CA VAL A 209 -14.38 -3.94 -16.33
C VAL A 209 -13.20 -3.42 -17.13
N GLY A 210 -12.01 -3.56 -16.55
CA GLY A 210 -10.80 -3.12 -17.20
C GLY A 210 -9.69 -4.17 -17.10
N ASN A 211 -9.86 -5.15 -16.22
CA ASN A 211 -8.86 -6.19 -16.01
C ASN A 211 -9.03 -7.54 -16.73
N SER A 212 -9.93 -7.59 -17.69
CA SER A 212 -10.12 -8.80 -18.48
C SER A 212 -10.53 -8.22 -19.82
N GLY A 213 -9.89 -7.10 -20.15
CA GLY A 213 -10.18 -6.38 -21.36
C GLY A 213 -11.23 -5.36 -20.97
N PHE A 214 -11.62 -4.50 -21.90
CA PHE A 214 -12.62 -3.48 -21.63
C PHE A 214 -14.02 -4.09 -21.80
N ILE A 215 -14.78 -4.17 -20.71
CA ILE A 215 -16.14 -4.73 -20.77
C ILE A 215 -17.17 -3.86 -20.07
N VAL A 216 -18.21 -3.50 -20.80
CA VAL A 216 -19.27 -2.65 -20.27
C VAL A 216 -20.42 -3.53 -19.76
N PRO A 217 -21.13 -3.09 -18.71
CA PRO A 217 -22.23 -3.92 -18.22
C PRO A 217 -23.44 -3.87 -19.14
N ASP A 218 -24.11 -5.00 -19.30
CA ASP A 218 -25.30 -5.06 -20.13
C ASP A 218 -26.40 -4.23 -19.50
N ALA A 219 -27.42 -3.88 -20.29
CA ALA A 219 -28.54 -3.11 -19.79
C ALA A 219 -29.19 -3.84 -18.62
N GLY A 220 -29.47 -3.08 -17.55
CA GLY A 220 -30.10 -3.65 -16.38
C GLY A 220 -29.24 -4.50 -15.47
N PHE A 221 -27.97 -4.73 -15.82
CA PHE A 221 -27.10 -5.56 -14.98
C PHE A 221 -26.78 -4.90 -13.65
N LEU A 222 -26.31 -3.65 -13.70
CA LEU A 222 -25.98 -2.93 -12.47
C LEU A 222 -27.24 -2.71 -11.64
N GLU A 223 -28.32 -2.29 -12.30
CA GLU A 223 -29.58 -2.07 -11.62
C GLU A 223 -30.03 -3.38 -10.97
N GLY A 224 -29.85 -4.48 -11.67
CA GLY A 224 -30.25 -5.77 -11.15
C GLY A 224 -29.52 -6.13 -9.87
N LEU A 225 -28.21 -5.93 -9.86
CA LEU A 225 -27.38 -6.21 -8.69
C LEU A 225 -27.80 -5.34 -7.52
N ARG A 226 -28.17 -4.10 -7.81
CA ARG A 226 -28.60 -3.17 -6.77
C ARG A 226 -29.86 -3.71 -6.10
N GLU A 227 -30.80 -4.17 -6.91
CA GLU A 227 -32.05 -4.70 -6.41
C GLU A 227 -31.92 -5.99 -5.60
N ILE A 228 -31.18 -6.97 -6.11
CA ILE A 228 -31.05 -8.21 -5.37
C ILE A 228 -30.28 -8.06 -4.05
N THR A 229 -29.28 -7.19 -4.01
CA THR A 229 -28.52 -6.99 -2.78
C THR A 229 -29.42 -6.36 -1.72
N LEU A 230 -30.24 -5.39 -2.12
CA LEU A 230 -31.15 -4.76 -1.16
C LEU A 230 -32.14 -5.78 -0.65
N GLU A 231 -32.64 -6.62 -1.55
CA GLU A 231 -33.62 -7.64 -1.20
C GLU A 231 -33.14 -8.62 -0.12
N HIS A 232 -31.85 -8.88 -0.08
CA HIS A 232 -31.30 -9.80 0.92
C HIS A 232 -30.43 -9.12 1.98
N ASP A 233 -30.56 -7.80 2.10
CA ASP A 233 -29.79 -7.03 3.07
C ASP A 233 -28.29 -7.24 2.88
N ALA A 234 -27.85 -7.33 1.63
CA ALA A 234 -26.46 -7.51 1.33
C ALA A 234 -25.94 -6.19 0.78
N LEU A 235 -24.63 -6.00 0.82
CA LEU A 235 -24.03 -4.77 0.33
C LEU A 235 -23.60 -4.82 -1.13
N LEU A 236 -23.69 -3.69 -1.80
CA LEU A 236 -23.26 -3.59 -3.20
C LEU A 236 -21.99 -2.73 -3.15
N VAL A 237 -20.88 -3.31 -3.57
CA VAL A 237 -19.61 -2.59 -3.54
C VAL A 237 -19.00 -2.38 -4.92
N PHE A 238 -18.73 -1.12 -5.25
CA PHE A 238 -18.12 -0.79 -6.53
C PHE A 238 -16.62 -0.53 -6.39
N ASP A 239 -15.82 -1.27 -7.16
CA ASP A 239 -14.38 -1.07 -7.16
C ASP A 239 -14.15 -0.09 -8.30
N GLU A 240 -14.02 1.19 -7.97
CA GLU A 240 -13.80 2.21 -8.99
C GLU A 240 -12.35 2.71 -8.97
N VAL A 241 -11.43 1.81 -8.62
CA VAL A 241 -10.01 2.16 -8.58
C VAL A 241 -9.57 2.66 -9.96
N ILE A 242 -10.05 2.02 -11.02
CA ILE A 242 -9.71 2.45 -12.37
C ILE A 242 -10.73 3.47 -12.91
N THR A 243 -12.01 3.17 -12.72
CA THR A 243 -13.09 4.01 -13.24
C THR A 243 -13.32 5.34 -12.52
N GLY A 244 -13.02 5.38 -11.23
CA GLY A 244 -13.21 6.61 -10.47
C GLY A 244 -12.48 7.77 -11.10
N PHE A 245 -13.21 8.88 -11.28
CA PHE A 245 -12.67 10.10 -11.89
C PHE A 245 -12.23 9.97 -13.35
N ARG A 246 -12.44 8.81 -13.96
CA ARG A 246 -12.07 8.63 -15.36
C ARG A 246 -13.33 8.55 -16.23
N ILE A 247 -14.24 7.64 -15.88
CA ILE A 247 -15.50 7.48 -16.64
C ILE A 247 -16.34 8.74 -16.49
N ALA A 248 -16.23 9.40 -15.34
CA ALA A 248 -16.95 10.63 -15.03
C ALA A 248 -16.34 11.11 -13.73
N TYR A 249 -16.57 12.37 -13.37
CA TYR A 249 -16.03 12.92 -12.12
C TYR A 249 -16.51 12.08 -10.93
N GLY A 250 -17.74 11.60 -11.02
CA GLY A 250 -18.31 10.79 -9.95
C GLY A 250 -18.23 9.30 -10.26
N GLY A 251 -17.43 8.95 -11.26
CA GLY A 251 -17.28 7.55 -11.62
C GLY A 251 -18.46 6.92 -12.33
N VAL A 252 -18.45 5.59 -12.42
CA VAL A 252 -19.53 4.88 -13.08
C VAL A 252 -20.84 5.06 -12.36
N GLN A 253 -20.82 5.06 -11.03
CA GLN A 253 -22.05 5.24 -10.26
C GLN A 253 -22.77 6.53 -10.61
N GLU A 254 -22.02 7.57 -10.93
CA GLU A 254 -22.60 8.85 -11.31
C GLU A 254 -23.12 8.78 -12.75
N LYS A 255 -22.28 8.27 -13.64
CA LYS A 255 -22.59 8.15 -15.07
C LYS A 255 -23.82 7.28 -15.36
N PHE A 256 -23.87 6.10 -14.74
CA PHE A 256 -24.97 5.17 -14.97
C PHE A 256 -26.09 5.19 -13.94
N GLY A 257 -26.03 6.15 -13.02
CA GLY A 257 -27.09 6.28 -12.04
C GLY A 257 -27.37 5.22 -10.99
N VAL A 258 -26.42 4.32 -10.72
CA VAL A 258 -26.65 3.31 -9.70
C VAL A 258 -25.73 3.60 -8.50
N THR A 259 -26.31 3.71 -7.31
CA THR A 259 -25.54 4.03 -6.12
C THR A 259 -25.24 2.84 -5.21
N PRO A 260 -23.94 2.48 -5.08
CA PRO A 260 -23.51 1.37 -4.24
C PRO A 260 -23.50 1.79 -2.78
N ASP A 261 -23.12 0.88 -1.90
CA ASP A 261 -23.09 1.17 -0.47
C ASP A 261 -21.68 1.57 -0.04
N LEU A 262 -20.70 1.07 -0.78
CA LEU A 262 -19.29 1.31 -0.49
C LEU A 262 -18.55 1.32 -1.82
N THR A 263 -17.51 2.16 -1.94
CA THR A 263 -16.72 2.17 -3.17
C THR A 263 -15.25 2.37 -2.84
N THR A 264 -14.38 1.78 -3.65
CA THR A 264 -12.94 1.89 -3.47
C THR A 264 -12.39 2.77 -4.57
N LEU A 265 -11.40 3.58 -4.22
CA LEU A 265 -10.77 4.49 -5.18
C LEU A 265 -9.26 4.31 -5.14
N GLY A 266 -8.60 4.76 -6.21
CA GLY A 266 -7.16 4.66 -6.28
C GLY A 266 -6.66 5.42 -7.47
N LYS A 267 -5.46 5.09 -7.91
CA LYS A 267 -4.83 5.71 -9.08
C LYS A 267 -4.96 7.23 -9.21
N ILE A 268 -5.92 7.69 -10.01
CA ILE A 268 -6.11 9.12 -10.21
C ILE A 268 -6.13 9.94 -8.92
N ILE A 269 -6.73 9.41 -7.86
CA ILE A 269 -6.81 10.14 -6.61
C ILE A 269 -5.42 10.44 -6.02
N GLY A 270 -4.41 9.73 -6.49
CA GLY A 270 -3.06 9.96 -5.98
C GLY A 270 -2.26 10.87 -6.88
N GLY A 271 -2.81 11.19 -8.04
CA GLY A 271 -2.14 12.08 -8.98
C GLY A 271 -0.76 11.60 -9.42
N GLY A 272 -0.48 10.32 -9.24
CA GLY A 272 0.82 9.81 -9.63
C GLY A 272 1.58 9.20 -8.47
N LEU A 273 1.20 9.57 -7.24
CA LEU A 273 1.82 9.03 -6.02
C LEU A 273 0.98 7.88 -5.48
N PRO A 274 1.54 7.06 -4.58
CA PRO A 274 0.78 5.93 -4.02
C PRO A 274 -0.38 6.35 -3.12
N VAL A 275 -1.62 6.13 -3.57
CA VAL A 275 -2.79 6.48 -2.80
C VAL A 275 -4.01 5.59 -3.08
N GLY A 276 -4.79 5.34 -2.04
CA GLY A 276 -5.98 4.54 -2.18
C GLY A 276 -7.01 5.14 -1.25
N ALA A 277 -8.27 4.70 -1.36
CA ALA A 277 -9.32 5.20 -0.49
C ALA A 277 -10.56 4.32 -0.55
N TYR A 278 -11.33 4.30 0.54
CA TYR A 278 -12.57 3.54 0.58
C TYR A 278 -13.56 4.31 1.45
N GLY A 279 -14.80 4.38 0.99
CA GLY A 279 -15.82 5.10 1.72
C GLY A 279 -17.21 4.67 1.29
N GLY A 280 -18.22 5.21 1.93
CA GLY A 280 -19.59 4.85 1.61
C GLY A 280 -20.55 5.41 2.64
N LYS A 281 -21.67 4.73 2.84
CA LYS A 281 -22.66 5.18 3.82
C LYS A 281 -22.01 5.38 5.18
N ARG A 282 -22.36 6.48 5.84
CA ARG A 282 -21.82 6.81 7.13
C ARG A 282 -21.97 5.71 8.17
N GLU A 283 -23.15 5.10 8.24
CA GLU A 283 -23.41 4.03 9.21
C GLU A 283 -22.47 2.85 9.06
N ILE A 284 -21.94 2.63 7.87
CA ILE A 284 -21.01 1.54 7.66
C ILE A 284 -19.59 1.97 8.04
N MET A 285 -19.19 3.15 7.58
CA MET A 285 -17.84 3.66 7.86
C MET A 285 -17.58 3.88 9.35
N GLN A 286 -18.64 3.96 10.15
CA GLN A 286 -18.49 4.15 11.60
C GLN A 286 -17.84 2.96 12.31
N LEU A 287 -17.73 1.81 11.64
CA LEU A 287 -17.11 0.64 12.24
C LEU A 287 -15.59 0.67 12.11
N VAL A 288 -15.10 1.56 11.26
CA VAL A 288 -13.66 1.69 11.05
C VAL A 288 -13.00 2.36 12.26
N ALA A 289 -11.92 1.73 12.76
CA ALA A 289 -11.19 2.28 13.88
C ALA A 289 -10.60 3.63 13.47
N PRO A 290 -10.44 4.56 14.41
CA PRO A 290 -10.75 4.46 15.85
C PRO A 290 -12.20 4.72 16.23
N ALA A 291 -13.06 4.99 15.25
CA ALA A 291 -14.46 5.24 15.55
C ALA A 291 -15.15 3.93 15.91
N GLY A 292 -14.80 2.86 15.21
CA GLY A 292 -15.39 1.55 15.45
C GLY A 292 -14.38 0.46 15.79
N PRO A 293 -14.83 -0.80 15.88
CA PRO A 293 -13.99 -1.95 16.20
C PRO A 293 -13.12 -2.51 15.08
N MET A 294 -13.49 -2.27 13.83
CA MET A 294 -12.70 -2.83 12.73
C MET A 294 -11.36 -2.13 12.56
N TYR A 295 -10.28 -2.82 12.91
CA TYR A 295 -8.95 -2.23 12.83
C TYR A 295 -8.33 -2.24 11.44
N GLN A 296 -7.74 -1.11 11.09
CA GLN A 296 -7.07 -0.91 9.81
C GLN A 296 -6.22 0.33 9.99
N ALA A 297 -4.91 0.19 9.80
CA ALA A 297 -4.00 1.32 9.95
C ALA A 297 -3.10 1.53 8.75
N GLY A 298 -2.36 2.63 8.76
CA GLY A 298 -1.46 2.92 7.66
C GLY A 298 -0.51 4.05 8.02
N THR A 299 0.76 3.72 8.16
CA THR A 299 1.80 4.68 8.50
C THR A 299 1.82 5.91 7.59
N LEU A 300 1.94 5.70 6.29
CA LEU A 300 2.00 6.83 5.36
C LEU A 300 0.66 7.28 4.81
N SER A 301 -0.43 6.74 5.35
CA SER A 301 -1.75 7.10 4.89
C SER A 301 -2.02 8.57 5.14
N GLY A 302 -2.55 9.25 4.13
CA GLY A 302 -2.84 10.66 4.25
C GLY A 302 -1.62 11.55 4.34
N ASN A 303 -0.50 11.15 3.74
CA ASN A 303 0.68 12.00 3.80
C ASN A 303 0.47 13.23 2.90
N PRO A 304 0.99 14.38 3.33
CA PRO A 304 0.86 15.63 2.58
C PRO A 304 1.19 15.65 1.09
N LEU A 305 2.18 14.87 0.65
CA LEU A 305 2.53 14.87 -0.77
C LEU A 305 1.45 14.21 -1.64
N ALA A 306 0.94 13.08 -1.18
CA ALA A 306 -0.10 12.36 -1.91
C ALA A 306 -1.37 13.20 -1.93
N MET A 307 -1.70 13.80 -0.78
CA MET A 307 -2.88 14.65 -0.68
C MET A 307 -2.76 15.82 -1.64
N THR A 308 -1.61 16.50 -1.65
CA THR A 308 -1.38 17.63 -2.54
C THR A 308 -1.58 17.23 -4.01
N ALA A 309 -1.02 16.08 -4.40
CA ALA A 309 -1.17 15.62 -5.78
C ALA A 309 -2.62 15.30 -6.13
N GLY A 310 -3.33 14.69 -5.19
CA GLY A 310 -4.73 14.35 -5.45
C GLY A 310 -5.59 15.59 -5.61
N ILE A 311 -5.43 16.52 -4.68
CA ILE A 311 -6.18 17.76 -4.71
C ILE A 311 -6.00 18.50 -6.03
N LYS A 312 -4.75 18.68 -6.45
CA LYS A 312 -4.44 19.37 -7.69
C LYS A 312 -5.02 18.64 -8.89
N THR A 313 -4.96 17.32 -8.87
CA THR A 313 -5.48 16.53 -9.97
C THR A 313 -7.00 16.68 -10.09
N LEU A 314 -7.70 16.65 -8.97
CA LEU A 314 -9.14 16.80 -9.00
C LEU A 314 -9.58 18.21 -9.44
N GLU A 315 -8.82 19.24 -9.06
CA GLU A 315 -9.16 20.60 -9.46
C GLU A 315 -9.06 20.72 -10.97
N LEU A 316 -8.05 20.10 -11.55
CA LEU A 316 -7.87 20.14 -13.00
C LEU A 316 -9.03 19.45 -13.71
N LEU A 317 -9.51 18.35 -13.15
CA LEU A 317 -10.61 17.59 -13.73
C LEU A 317 -11.96 18.31 -13.62
N ARG A 318 -12.05 19.22 -12.67
CA ARG A 318 -13.27 19.98 -12.44
C ARG A 318 -13.45 21.09 -13.49
N GLN A 319 -12.42 21.33 -14.28
CA GLN A 319 -12.47 22.36 -15.31
C GLN A 319 -13.48 22.02 -16.41
N PRO A 320 -13.98 23.04 -17.12
CA PRO A 320 -14.96 22.86 -18.20
C PRO A 320 -14.47 22.04 -19.40
N GLY A 321 -15.35 21.16 -19.89
CA GLY A 321 -15.04 20.36 -21.06
C GLY A 321 -14.07 19.21 -20.90
N THR A 322 -13.70 18.91 -19.67
CA THR A 322 -12.77 17.83 -19.39
C THR A 322 -13.22 16.47 -19.91
N TYR A 323 -14.36 15.97 -19.44
CA TYR A 323 -14.85 14.68 -19.88
C TYR A 323 -15.36 14.65 -21.32
N GLU A 324 -15.85 15.79 -21.81
CA GLU A 324 -16.33 15.87 -23.19
C GLU A 324 -15.13 15.64 -24.11
N TYR A 325 -14.01 16.30 -23.81
CA TYR A 325 -12.81 16.15 -24.61
C TYR A 325 -12.32 14.69 -24.63
N LEU A 326 -12.31 14.04 -23.47
CA LEU A 326 -11.88 12.66 -23.36
C LEU A 326 -12.73 11.73 -24.20
N ASP A 327 -14.04 11.91 -24.11
CA ASP A 327 -14.97 11.06 -24.86
C ASP A 327 -14.75 11.26 -26.36
N GLN A 328 -14.60 12.52 -26.75
CA GLN A 328 -14.41 12.88 -28.15
C GLN A 328 -13.18 12.23 -28.80
N ILE A 329 -12.00 12.44 -28.22
CA ILE A 329 -10.79 11.87 -28.80
C ILE A 329 -10.71 10.36 -28.67
N THR A 330 -11.36 9.79 -27.66
CA THR A 330 -11.29 8.34 -27.46
C THR A 330 -12.20 7.58 -28.42
N LYS A 331 -13.35 8.18 -28.72
CA LYS A 331 -14.29 7.56 -29.65
C LYS A 331 -13.63 7.56 -31.03
N ARG A 332 -12.98 8.67 -31.34
CA ARG A 332 -12.29 8.83 -32.60
C ARG A 332 -11.21 7.77 -32.72
N LEU A 333 -10.53 7.49 -31.62
CA LEU A 333 -9.46 6.48 -31.60
C LEU A 333 -10.06 5.09 -31.76
N SER A 334 -11.09 4.82 -30.95
CA SER A 334 -11.77 3.53 -30.95
C SER A 334 -12.38 3.17 -32.31
N ASP A 335 -13.26 4.03 -32.82
CA ASP A 335 -13.90 3.79 -34.11
C ASP A 335 -12.84 3.61 -35.19
N GLY A 336 -11.83 4.46 -35.17
CA GLY A 336 -10.75 4.40 -36.14
C GLY A 336 -10.07 3.04 -36.16
N LEU A 337 -9.79 2.52 -34.97
CA LEU A 337 -9.14 1.22 -34.85
C LEU A 337 -10.04 0.13 -35.44
N LEU A 338 -11.34 0.20 -35.16
CA LEU A 338 -12.28 -0.79 -35.65
C LEU A 338 -12.52 -0.69 -37.15
N ALA A 339 -12.39 0.52 -37.69
CA ALA A 339 -12.56 0.73 -39.12
C ALA A 339 -11.37 0.11 -39.85
N ILE A 340 -10.18 0.32 -39.29
CA ILE A 340 -8.94 -0.19 -39.89
C ILE A 340 -8.85 -1.70 -39.85
N ALA A 341 -9.40 -2.31 -38.80
CA ALA A 341 -9.36 -3.76 -38.68
C ALA A 341 -10.24 -4.36 -39.76
N GLN A 342 -11.36 -3.70 -40.00
CA GLN A 342 -12.32 -4.15 -41.01
C GLN A 342 -11.70 -4.01 -42.39
N GLU A 343 -11.20 -2.81 -42.68
CA GLU A 343 -10.58 -2.52 -43.96
C GLU A 343 -9.42 -3.46 -44.29
N THR A 344 -8.70 -3.91 -43.26
CA THR A 344 -7.56 -4.81 -43.47
C THR A 344 -7.93 -6.28 -43.33
N GLY A 345 -9.21 -6.55 -43.07
CA GLY A 345 -9.67 -7.92 -42.97
C GLY A 345 -9.49 -8.68 -41.67
N HIS A 346 -9.35 -7.97 -40.55
CA HIS A 346 -9.19 -8.67 -39.28
C HIS A 346 -10.43 -8.59 -38.42
N ALA A 347 -10.84 -9.73 -37.89
CA ALA A 347 -12.00 -9.79 -37.01
C ALA A 347 -11.64 -9.08 -35.71
N ALA A 348 -12.45 -8.10 -35.32
CA ALA A 348 -12.19 -7.36 -34.09
C ALA A 348 -13.44 -6.66 -33.57
N CYS A 349 -13.40 -6.29 -32.31
CA CYS A 349 -14.50 -5.58 -31.67
C CYS A 349 -13.91 -4.77 -30.52
N GLY A 350 -14.71 -3.88 -29.97
CA GLY A 350 -14.23 -3.06 -28.88
C GLY A 350 -15.20 -1.94 -28.57
N GLY A 351 -14.69 -0.90 -27.94
CA GLY A 351 -15.54 0.23 -27.60
C GLY A 351 -14.86 1.11 -26.59
N GLN A 352 -15.57 2.12 -26.14
CA GLN A 352 -15.05 3.06 -25.17
C GLN A 352 -16.12 3.87 -24.49
N VAL A 353 -15.80 4.31 -23.28
CA VAL A 353 -16.68 5.17 -22.49
C VAL A 353 -15.71 6.18 -21.89
N SER A 354 -15.90 7.45 -22.22
CA SER A 354 -15.01 8.51 -21.75
C SER A 354 -13.59 8.16 -22.20
N GLY A 355 -12.60 8.37 -21.33
CA GLY A 355 -11.23 8.10 -21.68
C GLY A 355 -10.74 6.69 -21.39
N MET A 356 -11.59 5.71 -21.63
CA MET A 356 -11.21 4.31 -21.38
C MET A 356 -11.70 3.47 -22.55
N PHE A 357 -10.81 2.70 -23.17
CA PHE A 357 -11.22 1.91 -24.32
C PHE A 357 -10.68 0.49 -24.34
N GLY A 358 -11.23 -0.31 -25.23
CA GLY A 358 -10.81 -1.70 -25.38
C GLY A 358 -10.81 -2.08 -26.85
N PHE A 359 -10.00 -3.07 -27.20
CA PHE A 359 -9.90 -3.54 -28.57
C PHE A 359 -9.52 -5.01 -28.54
N PHE A 360 -10.40 -5.89 -29.01
CA PHE A 360 -10.11 -7.33 -29.01
C PHE A 360 -10.01 -7.91 -30.42
N PHE A 361 -9.07 -8.84 -30.61
CA PHE A 361 -8.95 -9.49 -31.91
C PHE A 361 -9.87 -10.72 -31.93
N THR A 362 -11.17 -10.46 -32.06
CA THR A 362 -12.21 -11.47 -32.10
C THR A 362 -13.49 -10.72 -32.51
N GLU A 363 -14.41 -11.41 -33.18
CA GLU A 363 -15.64 -10.75 -33.62
C GLU A 363 -16.57 -10.40 -32.46
N GLY A 364 -16.49 -11.18 -31.39
CA GLY A 364 -17.33 -10.92 -30.23
C GLY A 364 -18.82 -11.01 -30.51
N PRO A 365 -19.65 -10.18 -29.85
CA PRO A 365 -19.24 -9.17 -28.87
C PRO A 365 -18.72 -9.81 -27.59
N VAL A 366 -18.04 -9.01 -26.77
CA VAL A 366 -17.50 -9.50 -25.51
C VAL A 366 -18.37 -9.03 -24.36
N HIS A 367 -18.98 -9.98 -23.65
CA HIS A 367 -19.84 -9.67 -22.52
C HIS A 367 -19.22 -10.15 -21.21
N ASN A 368 -18.25 -11.04 -21.30
CA ASN A 368 -17.61 -11.56 -20.11
C ASN A 368 -16.18 -12.03 -20.38
N TYR A 369 -15.53 -12.53 -19.34
CA TYR A 369 -14.17 -13.00 -19.44
C TYR A 369 -14.03 -14.16 -20.43
N GLU A 370 -14.99 -15.07 -20.41
CA GLU A 370 -14.98 -16.22 -21.30
C GLU A 370 -14.97 -15.77 -22.75
N ASP A 371 -15.78 -14.76 -23.08
CA ASP A 371 -15.81 -14.25 -24.45
C ASP A 371 -14.42 -13.68 -24.77
N ALA A 372 -13.93 -12.83 -23.88
CA ALA A 372 -12.64 -12.20 -24.07
C ALA A 372 -11.53 -13.20 -24.39
N LYS A 373 -11.61 -14.38 -23.82
CA LYS A 373 -10.58 -15.39 -24.06
C LYS A 373 -10.55 -16.01 -25.46
N LYS A 374 -11.54 -15.70 -26.29
CA LYS A 374 -11.57 -16.23 -27.65
C LYS A 374 -10.67 -15.40 -28.57
N SER A 375 -10.14 -14.30 -28.04
CA SER A 375 -9.27 -13.41 -28.80
C SER A 375 -8.02 -14.14 -29.28
N ASP A 376 -7.55 -13.76 -30.46
CA ASP A 376 -6.36 -14.36 -31.04
C ASP A 376 -5.15 -13.68 -30.40
N LEU A 377 -4.65 -14.29 -29.33
CA LEU A 377 -3.51 -13.76 -28.60
C LEU A 377 -2.23 -13.64 -29.39
N GLN A 378 -2.00 -14.56 -30.34
CA GLN A 378 -0.79 -14.49 -31.14
C GLN A 378 -0.82 -13.28 -32.06
N LYS A 379 -1.99 -12.95 -32.58
CA LYS A 379 -2.11 -11.80 -33.45
C LYS A 379 -1.92 -10.52 -32.61
N PHE A 380 -2.47 -10.51 -31.39
CA PHE A 380 -2.34 -9.34 -30.53
C PHE A 380 -0.86 -9.11 -30.26
N SER A 381 -0.13 -10.20 -30.04
CA SER A 381 1.30 -10.13 -29.76
C SER A 381 2.05 -9.43 -30.89
N ARG A 382 1.77 -9.83 -32.13
CA ARG A 382 2.44 -9.21 -33.27
C ARG A 382 1.97 -7.77 -33.43
N PHE A 383 0.68 -7.54 -33.21
CA PHE A 383 0.11 -6.20 -33.30
C PHE A 383 0.83 -5.27 -32.30
N HIS A 384 0.93 -5.74 -31.05
CA HIS A 384 1.58 -4.97 -30.00
C HIS A 384 3.03 -4.63 -30.34
N ARG A 385 3.80 -5.60 -30.79
CA ARG A 385 5.20 -5.35 -31.14
C ARG A 385 5.31 -4.38 -32.30
N GLY A 386 4.47 -4.59 -33.32
CA GLY A 386 4.47 -3.73 -34.48
C GLY A 386 4.16 -2.29 -34.14
N MET A 387 3.20 -2.08 -33.26
CA MET A 387 2.83 -0.73 -32.85
C MET A 387 3.96 -0.09 -32.07
N LEU A 388 4.61 -0.89 -31.24
CA LEU A 388 5.72 -0.43 -30.41
C LEU A 388 6.86 0.09 -31.32
N GLU A 389 7.12 -0.65 -32.40
CA GLU A 389 8.16 -0.27 -33.35
C GLU A 389 7.77 0.99 -34.13
N GLN A 390 6.47 1.26 -34.16
CA GLN A 390 5.95 2.43 -34.87
C GLN A 390 5.80 3.62 -33.91
N GLY A 391 6.25 3.44 -32.67
CA GLY A 391 6.19 4.52 -31.70
C GLY A 391 4.91 4.68 -30.89
N ILE A 392 4.14 3.60 -30.76
CA ILE A 392 2.89 3.63 -30.00
C ILE A 392 3.02 2.63 -28.84
N TYR A 393 2.83 3.10 -27.61
CA TYR A 393 2.95 2.20 -26.45
C TYR A 393 1.57 1.80 -25.92
N LEU A 394 1.25 0.52 -26.07
CA LEU A 394 -0.04 -0.02 -25.62
C LEU A 394 0.20 -1.01 -24.49
N ALA A 395 -0.84 -1.27 -23.70
CA ALA A 395 -0.73 -2.21 -22.59
C ALA A 395 -0.27 -3.55 -23.16
N PRO A 396 0.78 -4.15 -22.55
CA PRO A 396 1.32 -5.42 -23.02
C PRO A 396 0.42 -6.62 -22.67
N SER A 397 -0.86 -6.50 -22.98
CA SER A 397 -1.81 -7.56 -22.70
C SER A 397 -3.16 -7.31 -23.36
N GLN A 398 -3.77 -8.39 -23.84
CA GLN A 398 -5.07 -8.30 -24.47
C GLN A 398 -6.15 -8.09 -23.42
N PHE A 399 -5.82 -8.41 -22.16
CA PHE A 399 -6.79 -8.29 -21.07
C PHE A 399 -6.65 -7.03 -20.21
N GLU A 400 -6.14 -5.96 -20.80
CA GLU A 400 -5.98 -4.69 -20.09
C GLU A 400 -6.61 -3.58 -20.92
N ALA A 401 -7.46 -2.78 -20.29
CA ALA A 401 -8.10 -1.67 -20.99
C ALA A 401 -7.03 -0.62 -21.29
N GLY A 402 -7.27 0.19 -22.32
CA GLY A 402 -6.33 1.23 -22.68
C GLY A 402 -6.79 2.55 -22.09
N PHE A 403 -5.89 3.52 -22.02
CA PHE A 403 -6.25 4.82 -21.45
C PHE A 403 -5.82 6.02 -22.28
N THR A 404 -6.63 7.06 -22.19
CA THR A 404 -6.43 8.31 -22.90
C THR A 404 -6.27 9.41 -21.85
N SER A 405 -5.66 10.54 -22.23
CA SER A 405 -5.46 11.64 -21.29
C SER A 405 -5.81 13.00 -21.89
N LEU A 406 -5.92 14.00 -21.03
CA LEU A 406 -6.22 15.36 -21.48
C LEU A 406 -5.05 15.94 -22.27
N ALA A 407 -3.89 15.30 -22.20
CA ALA A 407 -2.72 15.78 -22.91
C ALA A 407 -2.64 15.21 -24.32
N HIS A 408 -3.42 14.16 -24.60
CA HIS A 408 -3.41 13.59 -25.96
C HIS A 408 -4.09 14.60 -26.88
N THR A 409 -3.46 14.88 -28.02
CA THR A 409 -4.03 15.82 -29.00
C THR A 409 -4.65 15.08 -30.17
N GLU A 410 -5.42 15.82 -30.97
CA GLU A 410 -6.07 15.26 -32.15
C GLU A 410 -5.00 14.65 -33.06
N GLU A 411 -3.86 15.32 -33.13
CA GLU A 411 -2.76 14.85 -33.96
C GLU A 411 -2.14 13.56 -33.43
N ASP A 412 -2.07 13.41 -32.11
CA ASP A 412 -1.51 12.19 -31.55
C ASP A 412 -2.41 11.02 -31.93
N ILE A 413 -3.72 11.26 -31.90
CA ILE A 413 -4.70 10.23 -32.26
C ILE A 413 -4.50 9.83 -33.71
N ASP A 414 -4.44 10.82 -34.60
CA ASP A 414 -4.26 10.54 -36.02
C ASP A 414 -2.99 9.75 -36.29
N ALA A 415 -1.90 10.14 -35.64
CA ALA A 415 -0.63 9.45 -35.80
C ALA A 415 -0.73 8.00 -35.35
N THR A 416 -1.59 7.75 -34.37
CA THR A 416 -1.77 6.40 -33.83
C THR A 416 -2.55 5.54 -34.82
N LEU A 417 -3.51 6.17 -35.49
CA LEU A 417 -4.32 5.47 -36.48
C LEU A 417 -3.45 5.14 -37.69
N ALA A 418 -2.61 6.09 -38.08
CA ALA A 418 -1.72 5.90 -39.23
C ALA A 418 -0.80 4.73 -38.94
N ALA A 419 -0.34 4.63 -37.69
CA ALA A 419 0.56 3.56 -37.30
C ALA A 419 -0.17 2.23 -37.26
N ALA A 420 -1.45 2.27 -36.89
CA ALA A 420 -2.25 1.05 -36.80
C ALA A 420 -2.53 0.47 -38.18
N ARG A 421 -2.68 1.35 -39.17
CA ARG A 421 -2.94 0.90 -40.54
C ARG A 421 -1.69 0.19 -41.06
N THR A 422 -0.54 0.81 -40.84
CA THR A 422 0.74 0.24 -41.26
C THR A 422 0.91 -1.16 -40.66
N VAL A 423 0.65 -1.25 -39.37
CA VAL A 423 0.79 -2.51 -38.64
C VAL A 423 -0.19 -3.58 -39.08
N MET A 424 -1.49 -3.27 -39.05
CA MET A 424 -2.49 -4.26 -39.44
C MET A 424 -2.43 -4.69 -40.91
N SER A 425 -1.93 -3.80 -41.78
CA SER A 425 -1.80 -4.14 -43.18
C SER A 425 -0.85 -5.33 -43.32
N ALA A 426 0.09 -5.44 -42.38
CA ALA A 426 1.02 -6.56 -42.38
C ALA A 426 0.31 -7.69 -41.64
N LEU A 427 0.75 -8.01 -40.43
CA LEU A 427 0.15 -9.07 -39.62
C LEU A 427 -0.21 -10.33 -40.40
N LYS B 2 -1.74 26.81 23.71
CA LYS B 2 -3.01 26.89 22.91
C LYS B 2 -2.99 25.98 21.69
N THR B 3 -4.13 25.33 21.45
CA THR B 3 -4.28 24.41 20.33
C THR B 3 -5.59 24.69 19.59
N ILE B 4 -5.98 25.95 19.56
CA ILE B 4 -7.21 26.36 18.91
C ILE B 4 -7.40 25.85 17.48
N LYS B 5 -6.42 26.12 16.61
CA LYS B 5 -6.55 25.67 15.22
C LYS B 5 -6.60 24.16 15.08
N SER B 6 -5.89 23.43 15.94
CA SER B 6 -5.92 21.98 15.86
C SER B 6 -7.31 21.45 16.22
N ASP B 7 -7.87 21.96 17.32
CA ASP B 7 -9.19 21.52 17.77
C ASP B 7 -10.23 21.77 16.69
N GLU B 8 -10.10 22.89 16.02
CA GLU B 8 -11.01 23.27 14.96
C GLU B 8 -10.90 22.32 13.76
N ILE B 9 -9.67 22.04 13.32
CA ILE B 9 -9.46 21.15 12.19
C ILE B 9 -9.82 19.71 12.51
N PHE B 10 -9.51 19.25 13.72
CA PHE B 10 -9.82 17.89 14.11
C PHE B 10 -11.33 17.70 14.23
N ALA B 11 -12.03 18.71 14.72
CA ALA B 11 -13.47 18.65 14.86
C ALA B 11 -14.11 18.42 13.49
N ALA B 12 -13.67 19.20 12.51
CA ALA B 12 -14.18 19.10 11.15
C ALA B 12 -13.82 17.74 10.55
N ALA B 13 -12.60 17.28 10.84
CA ALA B 13 -12.12 16.01 10.32
C ALA B 13 -12.99 14.81 10.73
N GLN B 14 -13.55 14.86 11.93
CA GLN B 14 -14.38 13.78 12.44
C GLN B 14 -15.67 13.56 11.67
N LYS B 15 -16.06 14.53 10.87
CA LYS B 15 -17.27 14.42 10.07
C LYS B 15 -16.96 13.90 8.68
N LEU B 16 -15.69 13.94 8.32
CA LEU B 16 -15.27 13.51 6.99
C LEU B 16 -14.61 12.13 6.95
N MET B 17 -13.91 11.78 8.03
CA MET B 17 -13.19 10.52 8.11
C MET B 17 -13.45 9.79 9.43
N PRO B 18 -13.42 8.46 9.42
CA PRO B 18 -13.66 7.67 10.63
C PRO B 18 -12.72 8.10 11.76
N GLY B 19 -13.31 8.60 12.85
CA GLY B 19 -12.51 9.06 13.97
C GLY B 19 -11.70 10.30 13.65
N GLY B 20 -11.90 10.83 12.43
CA GLY B 20 -11.20 12.03 12.01
C GLY B 20 -9.72 11.88 11.70
N VAL B 21 -9.29 10.65 11.39
CA VAL B 21 -7.89 10.38 11.09
C VAL B 21 -7.71 9.34 9.98
N SER B 22 -6.53 9.29 9.40
CA SER B 22 -6.24 8.30 8.36
C SER B 22 -5.64 7.06 8.99
N SER B 23 -5.34 7.13 10.28
CA SER B 23 -4.76 6.01 11.01
C SER B 23 -5.09 6.13 12.51
N PRO B 24 -5.66 5.07 13.10
CA PRO B 24 -6.09 4.97 14.50
C PRO B 24 -5.24 5.65 15.57
N VAL B 25 -3.96 5.29 15.66
CA VAL B 25 -3.09 5.85 16.69
C VAL B 25 -3.07 7.38 16.74
N ARG B 26 -3.36 8.03 15.62
CA ARG B 26 -3.33 9.48 15.55
C ARG B 26 -4.45 10.22 16.29
N ALA B 27 -5.53 9.51 16.61
CA ALA B 27 -6.66 10.12 17.30
C ALA B 27 -6.41 10.44 18.78
N PHE B 28 -5.29 9.98 19.32
CA PHE B 28 -4.93 10.26 20.72
C PHE B 28 -5.94 9.69 21.72
N LYS B 29 -6.70 8.67 21.34
CA LYS B 29 -7.69 8.09 22.24
C LYS B 29 -7.14 7.60 23.58
N SER B 30 -5.90 7.15 23.60
CA SER B 30 -5.34 6.65 24.85
C SER B 30 -4.58 7.68 25.68
N VAL B 31 -4.58 8.94 25.25
CA VAL B 31 -3.87 9.97 25.99
C VAL B 31 -4.64 11.29 26.11
N GLY B 32 -5.97 11.22 26.03
CA GLY B 32 -6.76 12.43 26.15
C GLY B 32 -7.76 12.70 25.03
N GLY B 33 -7.37 12.44 23.79
CA GLY B 33 -8.27 12.66 22.68
C GLY B 33 -8.14 14.03 22.02
N GLN B 34 -7.05 14.74 22.30
CA GLN B 34 -6.84 16.05 21.69
C GLN B 34 -5.59 16.06 20.81
N PRO B 35 -5.69 15.52 19.59
CA PRO B 35 -4.55 15.46 18.68
C PRO B 35 -4.12 16.85 18.22
N ILE B 36 -2.85 17.01 17.90
CA ILE B 36 -2.41 18.29 17.39
C ILE B 36 -2.19 18.10 15.89
N VAL B 37 -2.55 19.10 15.11
CA VAL B 37 -2.44 19.03 13.66
C VAL B 37 -1.12 19.67 13.20
N PHE B 38 -0.27 18.87 12.53
CA PHE B 38 1.02 19.37 12.05
C PHE B 38 0.88 20.24 10.81
N ASP B 39 1.80 21.22 10.68
CA ASP B 39 1.81 22.08 9.50
C ASP B 39 3.05 21.77 8.69
N ARG B 40 4.17 21.56 9.37
CA ARG B 40 5.45 21.27 8.71
C ARG B 40 6.43 20.62 9.68
N VAL B 41 7.45 19.96 9.11
CA VAL B 41 8.48 19.32 9.91
C VAL B 41 9.83 19.60 9.26
N LYS B 42 10.87 19.68 10.08
CA LYS B 42 12.21 19.92 9.56
C LYS B 42 13.26 19.49 10.60
N ASP B 43 14.27 18.77 10.13
CA ASP B 43 15.34 18.27 11.00
C ASP B 43 14.75 17.44 12.13
N ALA B 44 14.84 17.92 13.37
CA ALA B 44 14.31 17.17 14.50
C ALA B 44 13.04 17.79 15.08
N TYR B 45 12.49 18.78 14.40
CA TYR B 45 11.31 19.45 14.90
C TYR B 45 10.04 19.31 14.07
N ALA B 46 8.93 19.63 14.70
CA ALA B 46 7.63 19.58 14.07
C ALA B 46 6.95 20.88 14.52
N TRP B 47 6.15 21.47 13.64
CA TRP B 47 5.46 22.71 13.97
C TRP B 47 3.95 22.56 13.88
N ASP B 48 3.29 23.11 14.89
CA ASP B 48 1.84 23.13 15.03
C ASP B 48 1.17 24.02 13.99
N VAL B 49 -0.13 23.82 13.83
CA VAL B 49 -0.92 24.64 12.95
C VAL B 49 -1.21 25.93 13.76
N ASP B 50 -0.80 25.90 15.04
CA ASP B 50 -0.97 27.01 15.96
C ASP B 50 0.36 27.72 16.19
N GLY B 51 1.41 27.23 15.54
CA GLY B 51 2.71 27.83 15.70
C GLY B 51 3.60 27.23 16.78
N ASN B 52 3.11 26.22 17.49
CA ASN B 52 3.94 25.60 18.53
C ASN B 52 4.98 24.71 17.85
N ARG B 53 6.19 24.79 18.36
CA ARG B 53 7.30 24.01 17.83
C ARG B 53 7.60 22.89 18.82
N TYR B 54 7.89 21.69 18.31
CA TYR B 54 8.19 20.54 19.15
C TYR B 54 9.46 19.82 18.72
N ILE B 55 10.09 19.14 19.68
CA ILE B 55 11.25 18.33 19.37
C ILE B 55 10.55 16.99 19.18
N ASP B 56 10.60 16.49 17.95
CA ASP B 56 9.92 15.26 17.55
C ASP B 56 10.62 13.93 17.85
N TYR B 57 9.92 13.04 18.55
CA TYR B 57 10.48 11.73 18.87
C TYR B 57 9.70 10.60 18.22
N VAL B 58 8.90 10.96 17.22
CA VAL B 58 8.10 9.99 16.50
C VAL B 58 8.69 9.83 15.08
N GLY B 59 9.23 10.91 14.53
CA GLY B 59 9.81 10.86 13.20
C GLY B 59 8.92 10.15 12.19
N THR B 60 7.67 10.62 12.10
CA THR B 60 6.63 10.08 11.23
C THR B 60 6.58 8.55 11.30
N TRP B 61 6.87 8.04 12.49
CA TRP B 61 6.87 6.62 12.81
C TRP B 61 8.00 5.75 12.26
N GLY B 62 9.19 6.32 12.15
CA GLY B 62 10.33 5.55 11.68
C GLY B 62 11.11 6.04 10.47
N PRO B 63 10.42 6.47 9.40
CA PRO B 63 11.08 6.94 8.19
C PRO B 63 12.14 8.06 8.31
N ALA B 64 11.90 9.05 9.15
CA ALA B 64 12.79 10.20 9.26
C ALA B 64 14.08 10.03 10.07
N ILE B 65 14.77 8.91 9.88
CA ILE B 65 16.01 8.66 10.60
C ILE B 65 17.11 9.68 10.30
N CYS B 66 17.10 10.26 9.09
CA CYS B 66 18.10 11.25 8.72
C CYS B 66 17.62 12.66 9.07
N GLY B 67 16.45 12.75 9.69
CA GLY B 67 15.89 14.05 10.02
C GLY B 67 14.80 14.38 9.01
N HIS B 68 13.84 15.22 9.41
CA HIS B 68 12.75 15.62 8.53
C HIS B 68 13.23 16.53 7.41
N ALA B 69 12.59 16.43 6.24
CA ALA B 69 12.93 17.25 5.08
C ALA B 69 14.42 17.43 4.87
N HIS B 70 15.15 16.32 4.82
CA HIS B 70 16.58 16.42 4.62
C HIS B 70 16.85 17.11 3.29
N PRO B 71 17.72 18.13 3.29
CA PRO B 71 18.07 18.90 2.09
C PRO B 71 18.48 18.08 0.88
N GLU B 72 19.24 17.01 1.09
CA GLU B 72 19.68 16.19 -0.03
C GLU B 72 18.59 15.29 -0.58
N VAL B 73 17.69 14.85 0.29
CA VAL B 73 16.59 14.00 -0.15
C VAL B 73 15.63 14.86 -0.95
N ILE B 74 15.29 16.03 -0.41
CA ILE B 74 14.38 16.96 -1.07
C ILE B 74 14.93 17.36 -2.44
N GLU B 75 16.20 17.75 -2.48
CA GLU B 75 16.85 18.14 -3.72
C GLU B 75 16.79 17.02 -4.76
N ALA B 76 17.06 15.79 -4.34
CA ALA B 76 17.04 14.66 -5.25
C ALA B 76 15.63 14.41 -5.78
N LEU B 77 14.63 14.69 -4.95
CA LEU B 77 13.23 14.52 -5.35
C LEU B 77 12.79 15.60 -6.34
N LYS B 78 13.22 16.84 -6.13
CA LYS B 78 12.83 17.91 -7.03
C LYS B 78 13.36 17.64 -8.43
N VAL B 79 14.59 17.15 -8.53
CA VAL B 79 15.19 16.84 -9.82
C VAL B 79 14.49 15.66 -10.48
N ALA B 80 14.23 14.61 -9.71
CA ALA B 80 13.59 13.44 -10.27
C ALA B 80 12.17 13.66 -10.77
N MET B 81 11.35 14.41 -10.03
CA MET B 81 9.98 14.59 -10.48
C MET B 81 9.82 15.35 -11.79
N GLU B 82 10.88 15.98 -12.25
CA GLU B 82 10.80 16.69 -13.50
C GLU B 82 10.61 15.67 -14.61
N LYS B 83 11.03 14.43 -14.35
CA LYS B 83 10.91 13.35 -15.31
C LYS B 83 9.59 12.57 -15.20
N GLY B 84 8.74 12.96 -14.25
CA GLY B 84 7.49 12.25 -14.06
C GLY B 84 7.51 11.51 -12.73
N THR B 85 6.35 11.38 -12.09
CA THR B 85 6.30 10.71 -10.81
C THR B 85 6.06 9.20 -10.87
N SER B 86 5.45 8.71 -11.94
CA SER B 86 5.14 7.28 -12.08
C SER B 86 5.20 6.84 -13.54
N PHE B 87 5.78 5.66 -13.79
CA PHE B 87 5.92 5.16 -15.16
C PHE B 87 5.00 3.99 -15.51
N GLY B 88 4.87 3.03 -14.60
CA GLY B 88 4.03 1.88 -14.88
C GLY B 88 4.83 0.89 -15.72
N ALA B 89 6.13 1.12 -15.79
CA ALA B 89 7.05 0.29 -16.55
C ALA B 89 8.37 0.31 -15.78
N PRO B 90 9.30 -0.61 -16.10
CA PRO B 90 10.60 -0.67 -15.42
C PRO B 90 11.43 0.60 -15.60
N CYS B 91 12.22 0.93 -14.58
CA CYS B 91 13.12 2.07 -14.64
C CYS B 91 14.42 1.65 -13.97
N ALA B 92 15.52 2.27 -14.39
CA ALA B 92 16.84 1.98 -13.86
C ALA B 92 16.95 2.11 -12.35
N LEU B 93 16.24 3.06 -11.77
CA LEU B 93 16.31 3.26 -10.32
C LEU B 93 15.87 2.05 -9.49
N GLU B 94 14.99 1.21 -10.05
CA GLU B 94 14.55 0.01 -9.34
C GLU B 94 15.74 -0.93 -9.17
N ASN B 95 16.57 -1.03 -10.20
CA ASN B 95 17.77 -1.88 -10.15
C ASN B 95 18.72 -1.39 -9.07
N VAL B 96 18.92 -0.08 -9.02
CA VAL B 96 19.82 0.52 -8.05
C VAL B 96 19.43 0.24 -6.61
N LEU B 97 18.20 0.57 -6.23
CA LEU B 97 17.75 0.35 -4.86
C LEU B 97 17.76 -1.15 -4.51
N ALA B 98 17.34 -1.98 -5.47
CA ALA B 98 17.29 -3.43 -5.25
C ALA B 98 18.67 -3.93 -4.90
N GLU B 99 19.66 -3.48 -5.65
CA GLU B 99 21.04 -3.90 -5.44
C GLU B 99 21.53 -3.43 -4.07
N MET B 100 21.17 -2.20 -3.72
CA MET B 100 21.58 -1.63 -2.44
C MET B 100 20.97 -2.42 -1.28
N VAL B 101 19.72 -2.84 -1.43
CA VAL B 101 19.05 -3.61 -0.39
C VAL B 101 19.68 -4.99 -0.25
N ASN B 102 20.01 -5.63 -1.37
CA ASN B 102 20.62 -6.95 -1.33
C ASN B 102 21.97 -6.92 -0.61
N ASP B 103 22.77 -5.90 -0.88
CA ASP B 103 24.07 -5.80 -0.22
C ASP B 103 23.91 -5.51 1.27
N ALA B 104 22.90 -4.72 1.61
CA ALA B 104 22.67 -4.33 2.99
C ALA B 104 22.09 -5.41 3.90
N VAL B 105 21.09 -6.15 3.43
CA VAL B 105 20.44 -7.15 4.24
C VAL B 105 20.91 -8.59 3.99
N PRO B 106 21.53 -9.20 5.00
CA PRO B 106 22.05 -10.57 4.95
C PRO B 106 21.16 -11.59 4.22
N SER B 107 19.97 -11.84 4.75
CA SER B 107 19.06 -12.81 4.17
C SER B 107 18.45 -12.47 2.80
N ILE B 108 18.62 -11.25 2.32
CA ILE B 108 18.02 -10.89 1.05
C ILE B 108 18.90 -11.10 -0.18
N GLU B 109 18.50 -12.04 -1.02
CA GLU B 109 19.26 -12.34 -2.24
C GLU B 109 18.48 -11.86 -3.45
N MET B 110 17.19 -11.67 -3.26
CA MET B 110 16.28 -11.21 -4.31
C MET B 110 15.18 -10.40 -3.61
N VAL B 111 14.83 -9.24 -4.17
CA VAL B 111 13.82 -8.35 -3.58
C VAL B 111 12.65 -8.00 -4.50
N ARG B 112 11.53 -7.67 -3.88
CA ARG B 112 10.32 -7.24 -4.59
C ARG B 112 9.79 -6.00 -3.85
N PHE B 113 9.64 -4.90 -4.57
CA PHE B 113 9.13 -3.68 -3.97
C PHE B 113 7.62 -3.60 -4.00
N VAL B 114 7.04 -3.10 -2.91
CA VAL B 114 5.61 -2.93 -2.79
C VAL B 114 5.39 -1.52 -2.28
N ASN B 115 4.17 -1.18 -1.87
CA ASN B 115 3.89 0.18 -1.43
C ASN B 115 3.74 0.47 0.07
N SER B 116 3.81 -0.57 0.89
CA SER B 116 3.71 -0.38 2.34
C SER B 116 4.13 -1.64 3.08
N GLY B 117 4.31 -1.50 4.39
CA GLY B 117 4.70 -2.64 5.21
C GLY B 117 3.58 -3.66 5.22
N THR B 118 2.34 -3.18 5.14
CA THR B 118 1.17 -4.04 5.14
C THR B 118 1.17 -4.93 3.90
N GLU B 119 1.47 -4.35 2.75
CA GLU B 119 1.51 -5.13 1.52
C GLU B 119 2.64 -6.16 1.59
N ALA B 120 3.79 -5.76 2.10
CA ALA B 120 4.92 -6.67 2.22
C ALA B 120 4.61 -7.87 3.13
N CYS B 121 4.05 -7.60 4.30
CA CYS B 121 3.74 -8.67 5.25
C CYS B 121 2.68 -9.61 4.69
N MET B 122 1.75 -9.04 3.94
CA MET B 122 0.68 -9.80 3.32
C MET B 122 1.25 -10.75 2.27
N ALA B 123 2.20 -10.24 1.49
CA ALA B 123 2.83 -11.03 0.45
C ALA B 123 3.69 -12.13 1.08
N VAL B 124 4.41 -11.79 2.15
CA VAL B 124 5.29 -12.74 2.81
C VAL B 124 4.53 -13.90 3.48
N LEU B 125 3.31 -13.65 3.93
CA LEU B 125 2.53 -14.72 4.54
C LEU B 125 2.16 -15.69 3.43
N ARG B 126 1.59 -15.18 2.35
CA ARG B 126 1.18 -16.00 1.22
C ARG B 126 2.38 -16.81 0.70
N LEU B 127 3.56 -16.17 0.65
CA LEU B 127 4.77 -16.81 0.19
C LEU B 127 5.21 -17.94 1.14
N MET B 128 5.11 -17.71 2.45
CA MET B 128 5.47 -18.73 3.44
C MET B 128 4.70 -20.02 3.17
N ARG B 129 3.39 -19.87 2.96
CA ARG B 129 2.52 -21.00 2.70
C ARG B 129 2.73 -21.66 1.36
N ALA B 130 2.89 -20.87 0.31
CA ALA B 130 3.11 -21.43 -1.03
C ALA B 130 4.39 -22.24 -1.10
N TYR B 131 5.43 -21.78 -0.44
CA TYR B 131 6.71 -22.47 -0.46
C TYR B 131 6.77 -23.74 0.38
N THR B 132 6.12 -23.73 1.53
CA THR B 132 6.15 -24.89 2.42
C THR B 132 5.01 -25.86 2.15
N GLY B 133 3.92 -25.35 1.58
CA GLY B 133 2.78 -26.21 1.31
C GLY B 133 1.95 -26.40 2.58
N ARG B 134 2.29 -25.65 3.63
CA ARG B 134 1.60 -25.73 4.91
C ARG B 134 0.76 -24.47 5.14
N ASP B 135 -0.26 -24.56 5.98
CA ASP B 135 -1.14 -23.42 6.23
C ASP B 135 -1.00 -22.63 7.52
N LYS B 136 -0.52 -23.28 8.58
CA LYS B 136 -0.40 -22.59 9.87
C LYS B 136 0.82 -21.70 10.02
N ILE B 137 0.62 -20.55 10.68
CA ILE B 137 1.68 -19.59 10.92
C ILE B 137 1.71 -19.27 12.42
N ILE B 138 2.89 -19.00 12.95
CA ILE B 138 3.02 -18.64 14.35
C ILE B 138 3.41 -17.17 14.46
N LYS B 139 2.68 -16.39 15.25
CA LYS B 139 3.00 -14.99 15.45
C LYS B 139 2.95 -14.76 16.96
N PHE B 140 3.52 -13.67 17.44
CA PHE B 140 3.54 -13.39 18.87
C PHE B 140 2.56 -12.30 19.30
N GLU B 141 2.07 -12.42 20.53
CA GLU B 141 1.14 -11.44 21.11
C GLU B 141 1.84 -10.10 21.28
N GLY B 142 1.22 -9.04 20.81
CA GLY B 142 1.81 -7.73 20.96
C GLY B 142 2.58 -7.25 19.74
N CYS B 143 2.74 -8.14 18.76
CA CYS B 143 3.44 -7.78 17.53
C CYS B 143 2.44 -7.35 16.47
N TYR B 144 2.89 -6.52 15.53
CA TYR B 144 2.03 -6.04 14.45
C TYR B 144 2.69 -6.28 13.10
N HIS B 145 1.96 -6.90 12.18
CA HIS B 145 2.48 -7.20 10.85
C HIS B 145 1.49 -6.75 9.78
N GLY B 146 0.87 -5.61 10.01
CA GLY B 146 -0.11 -5.10 9.07
C GLY B 146 -1.47 -5.74 9.32
N HIS B 147 -2.52 -5.12 8.82
CA HIS B 147 -3.87 -5.64 9.00
C HIS B 147 -4.20 -6.74 8.02
N ALA B 148 -3.45 -7.84 8.10
CA ALA B 148 -3.68 -8.99 7.22
C ALA B 148 -4.90 -9.75 7.71
N ASP B 149 -5.93 -9.80 6.87
CA ASP B 149 -7.18 -10.49 7.21
C ASP B 149 -6.99 -11.74 8.07
N MET B 150 -6.72 -12.87 7.42
CA MET B 150 -6.54 -14.13 8.12
C MET B 150 -5.17 -14.22 8.80
N PHE B 151 -4.94 -13.33 9.77
CA PHE B 151 -3.68 -13.31 10.51
C PHE B 151 -3.69 -12.22 11.57
N LEU B 152 -4.40 -11.13 11.29
CA LEU B 152 -4.49 -10.00 12.22
C LEU B 152 -5.23 -10.41 13.49
N VAL B 153 -4.47 -10.82 14.49
CA VAL B 153 -5.05 -11.23 15.78
C VAL B 153 -4.09 -10.87 16.91
N LYS B 154 -4.62 -10.27 17.96
CA LYS B 154 -3.81 -9.87 19.11
C LYS B 154 -2.60 -9.06 18.66
N ALA B 155 -2.82 -8.15 17.71
CA ALA B 155 -1.75 -7.31 17.19
C ALA B 155 -1.48 -6.14 18.12
N GLY B 156 -0.32 -5.51 17.95
CA GLY B 156 0.03 -4.38 18.78
C GLY B 156 -0.32 -3.05 18.14
N SER B 157 0.66 -2.16 18.04
CA SER B 157 0.47 -0.85 17.43
C SER B 157 -0.79 -0.17 17.97
N GLY B 158 -1.51 0.51 17.08
CA GLY B 158 -2.73 1.18 17.47
C GLY B 158 -3.75 0.27 18.10
N VAL B 159 -3.66 -1.03 17.79
CA VAL B 159 -4.59 -2.01 18.34
C VAL B 159 -4.47 -2.05 19.86
N ALA B 160 -3.26 -2.27 20.35
CA ALA B 160 -3.00 -2.34 21.78
C ALA B 160 -3.03 -0.96 22.42
N THR B 161 -3.04 0.07 21.57
CA THR B 161 -3.07 1.46 22.05
C THR B 161 -4.29 1.72 22.94
N LEU B 162 -5.42 1.14 22.57
CA LEU B 162 -6.65 1.32 23.34
C LEU B 162 -7.16 -0.01 23.87
N GLY B 163 -6.29 -1.01 23.92
CA GLY B 163 -6.68 -2.32 24.42
C GLY B 163 -7.53 -3.10 23.43
N LEU B 164 -7.58 -2.64 22.19
CA LEU B 164 -8.35 -3.30 21.15
C LEU B 164 -7.70 -4.64 20.81
N PRO B 165 -8.51 -5.69 20.60
CA PRO B 165 -8.00 -7.02 20.27
C PRO B 165 -7.49 -7.13 18.83
N SER B 166 -8.42 -7.23 17.89
CA SER B 166 -8.09 -7.34 16.47
C SER B 166 -9.39 -7.49 15.67
N SER B 167 -9.26 -7.65 14.36
CA SER B 167 -10.43 -7.81 13.50
C SER B 167 -11.42 -6.67 13.82
N PRO B 168 -12.74 -6.87 13.63
CA PRO B 168 -13.56 -8.00 13.17
C PRO B 168 -13.49 -8.22 11.66
N GLY B 169 -14.62 -8.62 11.08
CA GLY B 169 -14.68 -8.86 9.65
C GLY B 169 -14.22 -10.25 9.25
N VAL B 170 -12.96 -10.54 9.48
CA VAL B 170 -12.38 -11.84 9.14
C VAL B 170 -13.04 -12.99 9.89
N PRO B 171 -13.48 -14.02 9.16
CA PRO B 171 -14.14 -15.20 9.74
C PRO B 171 -13.21 -15.91 10.72
N LYS B 172 -13.81 -16.64 11.66
CA LYS B 172 -13.03 -17.37 12.66
C LYS B 172 -12.30 -18.55 12.03
N LYS B 173 -12.80 -19.01 10.88
CA LYS B 173 -12.19 -20.13 10.16
C LYS B 173 -10.88 -19.71 9.51
N THR B 174 -10.86 -18.51 8.96
CA THR B 174 -9.68 -17.98 8.29
C THR B 174 -8.52 -17.71 9.25
N THR B 175 -8.86 -17.30 10.47
CA THR B 175 -7.85 -17.00 11.49
C THR B 175 -7.42 -18.22 12.29
N ALA B 176 -7.91 -19.40 11.89
CA ALA B 176 -7.56 -20.63 12.60
C ALA B 176 -6.21 -21.15 12.13
N ASN B 177 -5.66 -20.50 11.11
CA ASN B 177 -4.36 -20.88 10.55
C ASN B 177 -3.27 -19.99 11.12
N THR B 178 -3.58 -19.35 12.24
CA THR B 178 -2.64 -18.47 12.91
C THR B 178 -2.52 -18.87 14.37
N LEU B 179 -1.31 -19.25 14.78
CA LEU B 179 -1.06 -19.63 16.17
C LEU B 179 -0.34 -18.49 16.87
N THR B 180 -0.66 -18.29 18.14
CA THR B 180 -0.02 -17.22 18.91
C THR B 180 0.65 -17.73 20.17
N THR B 181 1.78 -17.09 20.48
CA THR B 181 2.55 -17.43 21.66
C THR B 181 3.17 -16.16 22.22
N PRO B 182 3.51 -16.15 23.52
CA PRO B 182 4.11 -14.95 24.10
C PRO B 182 5.51 -14.69 23.56
N TYR B 183 5.81 -13.42 23.31
CA TYR B 183 7.12 -13.06 22.82
C TYR B 183 8.14 -13.54 23.87
N ASN B 184 9.33 -13.92 23.44
CA ASN B 184 10.38 -14.37 24.34
C ASN B 184 10.08 -15.68 25.08
N ASP B 185 9.14 -16.45 24.57
CA ASP B 185 8.79 -17.72 25.19
C ASP B 185 9.07 -18.88 24.23
N LEU B 186 10.29 -19.44 24.29
CA LEU B 186 10.65 -20.56 23.43
C LEU B 186 9.80 -21.81 23.66
N GLU B 187 9.61 -22.17 24.92
CA GLU B 187 8.84 -23.35 25.27
C GLU B 187 7.47 -23.35 24.63
N ALA B 188 6.78 -22.21 24.67
CA ALA B 188 5.46 -22.10 24.09
C ALA B 188 5.53 -22.39 22.59
N VAL B 189 6.63 -21.97 21.96
CA VAL B 189 6.79 -22.19 20.54
C VAL B 189 7.01 -23.67 20.24
N LYS B 190 7.86 -24.34 21.02
CA LYS B 190 8.13 -25.77 20.81
C LYS B 190 6.82 -26.56 20.95
N ALA B 191 6.01 -26.20 21.94
CA ALA B 191 4.74 -26.87 22.17
C ALA B 191 3.82 -26.76 20.95
N LEU B 192 3.81 -25.58 20.32
CA LEU B 192 2.96 -25.38 19.16
C LEU B 192 3.36 -26.30 17.99
N PHE B 193 4.66 -26.57 17.84
CA PHE B 193 5.10 -27.46 16.78
C PHE B 193 4.76 -28.90 17.13
N ALA B 194 5.12 -29.31 18.35
CA ALA B 194 4.86 -30.66 18.82
C ALA B 194 3.38 -30.98 18.68
N GLU B 195 2.56 -29.97 18.90
CA GLU B 195 1.11 -30.14 18.82
C GLU B 195 0.55 -30.05 17.40
N ASN B 196 1.35 -29.55 16.46
CA ASN B 196 0.91 -29.39 15.08
C ASN B 196 1.95 -29.92 14.10
N PRO B 197 2.33 -31.20 14.23
CA PRO B 197 3.33 -31.78 13.33
C PRO B 197 3.01 -31.62 11.85
N GLY B 198 3.99 -31.13 11.09
CA GLY B 198 3.86 -30.94 9.66
C GLY B 198 2.79 -29.97 9.18
N GLU B 199 2.51 -28.94 9.97
CA GLU B 199 1.49 -27.98 9.57
C GLU B 199 1.94 -26.52 9.71
N ILE B 200 3.09 -26.31 10.33
CA ILE B 200 3.59 -24.94 10.50
C ILE B 200 4.50 -24.52 9.35
N ALA B 201 4.05 -23.52 8.60
CA ALA B 201 4.83 -23.01 7.48
C ALA B 201 6.04 -22.27 8.03
N GLY B 202 5.85 -21.60 9.16
CA GLY B 202 6.94 -20.87 9.77
C GLY B 202 6.52 -19.88 10.85
N VAL B 203 7.50 -19.11 11.33
CA VAL B 203 7.27 -18.14 12.37
C VAL B 203 7.65 -16.74 11.90
N ILE B 204 6.80 -15.76 12.19
CA ILE B 204 7.07 -14.38 11.82
C ILE B 204 7.02 -13.53 13.10
N LEU B 205 7.98 -12.62 13.24
CA LEU B 205 8.02 -11.77 14.42
C LEU B 205 8.85 -10.51 14.18
N GLU B 206 8.73 -9.56 15.09
CA GLU B 206 9.51 -8.34 15.05
C GLU B 206 10.77 -8.73 15.83
N PRO B 207 11.94 -8.78 15.15
CA PRO B 207 13.23 -9.14 15.75
C PRO B 207 13.45 -8.41 17.07
N ILE B 208 12.97 -7.18 17.10
CA ILE B 208 12.99 -6.30 18.28
C ILE B 208 11.62 -5.66 18.17
N VAL B 209 10.82 -5.82 19.21
CA VAL B 209 9.46 -5.30 19.24
C VAL B 209 9.35 -3.79 19.40
N GLY B 210 8.41 -3.20 18.67
CA GLY B 210 8.18 -1.78 18.73
C GLY B 210 6.70 -1.45 18.88
N ASN B 211 5.83 -2.42 18.59
CA ASN B 211 4.38 -2.23 18.66
C ASN B 211 3.63 -2.64 19.92
N SER B 212 4.36 -2.92 20.99
CA SER B 212 3.73 -3.25 22.26
C SER B 212 4.75 -2.69 23.24
N GLY B 213 5.30 -1.55 22.85
CA GLY B 213 6.31 -0.90 23.65
C GLY B 213 7.63 -1.41 23.09
N PHE B 214 8.74 -0.89 23.59
CA PHE B 214 10.05 -1.33 23.14
C PHE B 214 10.45 -2.59 23.91
N ILE B 215 10.58 -3.71 23.20
CA ILE B 215 10.97 -4.97 23.83
C ILE B 215 12.09 -5.69 23.08
N VAL B 216 13.17 -5.98 23.78
CA VAL B 216 14.32 -6.66 23.21
C VAL B 216 14.20 -8.17 23.45
N PRO B 217 14.71 -9.00 22.53
CA PRO B 217 14.61 -10.44 22.74
C PRO B 217 15.60 -10.92 23.79
N ASP B 218 15.17 -11.87 24.63
CA ASP B 218 16.05 -12.41 25.65
C ASP B 218 17.17 -13.18 24.98
N ALA B 219 18.23 -13.45 25.74
CA ALA B 219 19.38 -14.20 25.25
C ALA B 219 18.91 -15.56 24.72
N GLY B 220 19.40 -15.92 23.53
CA GLY B 220 19.06 -17.19 22.93
C GLY B 220 17.67 -17.33 22.33
N PHE B 221 16.83 -16.31 22.45
CA PHE B 221 15.49 -16.41 21.89
C PHE B 221 15.48 -16.46 20.36
N LEU B 222 16.16 -15.51 19.74
CA LEU B 222 16.23 -15.50 18.28
C LEU B 222 16.94 -16.74 17.78
N GLU B 223 18.06 -17.08 18.41
CA GLU B 223 18.82 -18.26 18.02
C GLU B 223 17.93 -19.51 18.17
N GLY B 224 17.16 -19.55 19.25
CA GLY B 224 16.28 -20.66 19.48
C GLY B 224 15.27 -20.84 18.35
N LEU B 225 14.62 -19.75 17.95
CA LEU B 225 13.64 -19.80 16.88
C LEU B 225 14.27 -20.26 15.58
N ARG B 226 15.51 -19.84 15.35
CA ARG B 226 16.22 -20.23 14.13
C ARG B 226 16.40 -21.74 14.09
N GLU B 227 16.80 -22.30 15.23
CA GLU B 227 17.03 -23.74 15.33
C GLU B 227 15.76 -24.58 15.20
N ILE B 228 14.69 -24.22 15.90
CA ILE B 228 13.46 -25.01 15.81
C ILE B 228 12.81 -24.95 14.43
N THR B 229 12.89 -23.81 13.77
CA THR B 229 12.28 -23.71 12.43
C THR B 229 13.05 -24.59 11.45
N LEU B 230 14.37 -24.62 11.57
CA LEU B 230 15.18 -25.45 10.68
C LEU B 230 14.85 -26.92 10.93
N GLU B 231 14.73 -27.26 12.21
CA GLU B 231 14.44 -28.63 12.61
C GLU B 231 13.15 -29.18 12.02
N HIS B 232 12.16 -28.33 11.79
CA HIS B 232 10.90 -28.78 11.21
C HIS B 232 10.65 -28.30 9.79
N ASP B 233 11.72 -27.85 9.12
CA ASP B 233 11.62 -27.36 7.75
C ASP B 233 10.60 -26.23 7.63
N ALA B 234 10.58 -25.36 8.64
CA ALA B 234 9.68 -24.21 8.64
C ALA B 234 10.52 -22.97 8.39
N LEU B 235 9.88 -21.91 7.95
CA LEU B 235 10.57 -20.66 7.66
C LEU B 235 10.63 -19.71 8.84
N LEU B 236 11.71 -18.95 8.93
CA LEU B 236 11.88 -17.94 9.97
C LEU B 236 11.77 -16.61 9.24
N VAL B 237 10.76 -15.82 9.57
CA VAL B 237 10.54 -14.54 8.91
C VAL B 237 10.66 -13.34 9.86
N PHE B 238 11.53 -12.42 9.51
CA PHE B 238 11.75 -11.20 10.30
C PHE B 238 11.02 -10.02 9.69
N ASP B 239 10.19 -9.37 10.50
CA ASP B 239 9.47 -8.18 10.07
C ASP B 239 10.36 -7.03 10.52
N GLU B 240 11.19 -6.51 9.63
CA GLU B 240 12.07 -5.41 10.00
C GLU B 240 11.59 -4.08 9.41
N VAL B 241 10.27 -3.94 9.30
CA VAL B 241 9.69 -2.72 8.77
C VAL B 241 10.15 -1.53 9.61
N ILE B 242 10.20 -1.70 10.93
CA ILE B 242 10.65 -0.63 11.81
C ILE B 242 12.15 -0.72 12.05
N THR B 243 12.64 -1.93 12.31
CA THR B 243 14.06 -2.14 12.64
C THR B 243 15.05 -2.03 11.49
N GLY B 244 14.61 -2.36 10.29
CA GLY B 244 15.48 -2.30 9.15
C GLY B 244 16.09 -0.93 8.96
N PHE B 245 17.42 -0.91 8.80
CA PHE B 245 18.17 0.33 8.62
C PHE B 245 18.17 1.27 9.82
N ARG B 246 17.53 0.88 10.92
CA ARG B 246 17.52 1.71 12.13
C ARG B 246 18.40 1.10 13.22
N ILE B 247 18.17 -0.17 13.54
CA ILE B 247 18.97 -0.85 14.56
C ILE B 247 20.41 -1.01 14.06
N ALA B 248 20.55 -1.14 12.75
CA ALA B 248 21.85 -1.28 12.10
C ALA B 248 21.57 -1.19 10.60
N TYR B 249 22.59 -0.96 9.79
CA TYR B 249 22.40 -0.87 8.35
C TYR B 249 21.75 -2.16 7.84
N GLY B 250 22.15 -3.29 8.41
CA GLY B 250 21.60 -4.57 8.00
C GLY B 250 20.48 -5.04 8.92
N GLY B 251 19.95 -4.13 9.74
CA GLY B 251 18.87 -4.50 10.64
C GLY B 251 19.26 -5.34 11.84
N VAL B 252 18.27 -5.91 12.51
CA VAL B 252 18.52 -6.75 13.68
C VAL B 252 19.26 -8.01 13.30
N GLN B 253 18.95 -8.58 12.14
CA GLN B 253 19.62 -9.80 11.70
C GLN B 253 21.12 -9.61 11.58
N GLU B 254 21.54 -8.40 11.20
CA GLU B 254 22.96 -8.11 11.08
C GLU B 254 23.57 -7.89 12.47
N LYS B 255 22.89 -7.07 13.26
CA LYS B 255 23.33 -6.73 14.61
C LYS B 255 23.47 -7.93 15.55
N PHE B 256 22.44 -8.77 15.58
CA PHE B 256 22.44 -9.92 16.47
C PHE B 256 22.88 -11.23 15.85
N GLY B 257 23.32 -11.20 14.61
CA GLY B 257 23.83 -12.39 13.96
C GLY B 257 22.92 -13.57 13.62
N VAL B 258 21.62 -13.37 13.57
CA VAL B 258 20.73 -14.46 13.22
C VAL B 258 20.12 -14.19 11.84
N THR B 259 20.28 -15.13 10.91
CA THR B 259 19.77 -14.94 9.55
C THR B 259 18.46 -15.64 9.22
N PRO B 260 17.38 -14.86 9.01
CA PRO B 260 16.06 -15.42 8.67
C PRO B 260 16.05 -15.89 7.22
N ASP B 261 14.92 -16.43 6.79
CA ASP B 261 14.78 -16.91 5.41
C ASP B 261 14.15 -15.84 4.52
N LEU B 262 13.35 -14.98 5.16
CA LEU B 262 12.62 -13.92 4.46
C LEU B 262 12.51 -12.74 5.41
N THR B 263 12.53 -11.52 4.89
CA THR B 263 12.37 -10.36 5.75
C THR B 263 11.58 -9.28 5.03
N THR B 264 10.79 -8.52 5.79
CA THR B 264 10.00 -7.45 5.21
C THR B 264 10.63 -6.13 5.63
N LEU B 265 10.56 -5.15 4.73
CA LEU B 265 11.11 -3.82 5.00
C LEU B 265 10.07 -2.76 4.67
N GLY B 266 10.28 -1.56 5.19
CA GLY B 266 9.37 -0.45 4.94
C GLY B 266 9.94 0.82 5.50
N LYS B 267 9.07 1.80 5.74
CA LYS B 267 9.44 3.08 6.32
C LYS B 267 10.73 3.72 5.77
N ILE B 268 11.84 3.57 6.48
CA ILE B 268 13.11 4.16 6.04
C ILE B 268 13.43 3.94 4.56
N ILE B 269 13.15 2.76 4.05
CA ILE B 269 13.45 2.44 2.65
C ILE B 269 12.70 3.35 1.68
N GLY B 270 11.66 4.03 2.16
CA GLY B 270 10.90 4.93 1.31
C GLY B 270 11.32 6.39 1.48
N GLY B 271 12.21 6.64 2.44
CA GLY B 271 12.68 7.99 2.68
C GLY B 271 11.61 9.02 2.97
N GLY B 272 10.42 8.57 3.32
CA GLY B 272 9.33 9.50 3.59
C GLY B 272 8.12 9.24 2.71
N LEU B 273 8.35 8.60 1.56
CA LEU B 273 7.28 8.27 0.62
C LEU B 273 6.77 6.85 0.88
N PRO B 274 5.58 6.51 0.37
CA PRO B 274 5.02 5.15 0.58
C PRO B 274 5.82 4.04 -0.13
N VAL B 275 6.47 3.20 0.66
CA VAL B 275 7.28 2.10 0.11
C VAL B 275 7.36 0.89 1.04
N GLY B 276 7.43 -0.29 0.43
CA GLY B 276 7.56 -1.50 1.22
C GLY B 276 8.41 -2.44 0.41
N ALA B 277 8.85 -3.54 1.02
CA ALA B 277 9.65 -4.52 0.29
C ALA B 277 9.71 -5.84 1.04
N TYR B 278 9.89 -6.92 0.29
CA TYR B 278 10.04 -8.24 0.90
C TYR B 278 11.02 -9.05 0.04
N GLY B 279 11.92 -9.76 0.71
CA GLY B 279 12.90 -10.56 0.01
C GLY B 279 13.50 -11.61 0.90
N GLY B 280 14.36 -12.45 0.33
CA GLY B 280 14.97 -13.51 1.11
C GLY B 280 15.74 -14.46 0.21
N LYS B 281 15.83 -15.73 0.62
CA LYS B 281 16.55 -16.71 -0.18
C LYS B 281 15.97 -16.74 -1.60
N ARG B 282 16.87 -16.80 -2.57
CA ARG B 282 16.49 -16.83 -3.98
C ARG B 282 15.47 -17.92 -4.32
N GLU B 283 15.71 -19.14 -3.84
CA GLU B 283 14.80 -20.26 -4.14
C GLU B 283 13.37 -20.00 -3.70
N ILE B 284 13.18 -19.15 -2.69
CA ILE B 284 11.83 -18.85 -2.23
C ILE B 284 11.24 -17.73 -3.07
N MET B 285 12.01 -16.68 -3.31
CA MET B 285 11.54 -15.54 -4.10
C MET B 285 11.17 -15.92 -5.54
N GLN B 286 11.68 -17.05 -6.03
CA GLN B 286 11.38 -17.51 -7.39
C GLN B 286 9.91 -17.88 -7.61
N LEU B 287 9.13 -18.02 -6.54
CA LEU B 287 7.72 -18.35 -6.67
C LEU B 287 6.87 -17.11 -6.94
N VAL B 288 7.47 -15.93 -6.75
CA VAL B 288 6.76 -14.68 -6.96
C VAL B 288 6.59 -14.40 -8.45
N ALA B 289 5.36 -14.11 -8.86
CA ALA B 289 5.05 -13.80 -10.25
C ALA B 289 5.82 -12.55 -10.64
N PRO B 290 6.21 -12.43 -11.93
CA PRO B 290 5.98 -13.37 -13.03
C PRO B 290 6.94 -14.57 -13.11
N ALA B 291 7.92 -14.64 -12.20
CA ALA B 291 8.87 -15.74 -12.22
C ALA B 291 8.20 -17.03 -11.77
N GLY B 292 7.31 -16.91 -10.78
CA GLY B 292 6.62 -18.08 -10.26
C GLY B 292 5.10 -17.95 -10.28
N PRO B 293 4.39 -18.92 -9.69
CA PRO B 293 2.91 -18.93 -9.63
C PRO B 293 2.25 -18.03 -8.61
N MET B 294 2.94 -17.65 -7.55
CA MET B 294 2.30 -16.80 -6.55
C MET B 294 2.10 -15.38 -7.04
N TYR B 295 0.83 -15.00 -7.25
CA TYR B 295 0.52 -13.67 -7.76
C TYR B 295 0.48 -12.55 -6.72
N GLN B 296 1.09 -11.43 -7.08
CA GLN B 296 1.15 -10.25 -6.25
C GLN B 296 1.55 -9.11 -7.18
N ALA B 297 0.72 -8.08 -7.25
CA ALA B 297 1.02 -6.95 -8.13
C ALA B 297 0.93 -5.60 -7.41
N GLY B 298 1.30 -4.54 -8.12
CA GLY B 298 1.26 -3.22 -7.53
C GLY B 298 1.47 -2.13 -8.57
N THR B 299 0.43 -1.37 -8.84
CA THR B 299 0.46 -0.28 -9.82
C THR B 299 1.60 0.70 -9.61
N LEU B 300 1.70 1.26 -8.41
CA LEU B 300 2.75 2.23 -8.16
C LEU B 300 4.03 1.67 -7.56
N SER B 301 4.13 0.34 -7.53
CA SER B 301 5.31 -0.30 -6.99
C SER B 301 6.53 0.04 -7.82
N GLY B 302 7.62 0.40 -7.14
CA GLY B 302 8.84 0.75 -7.81
C GLY B 302 8.79 2.05 -8.58
N ASN B 303 7.96 3.00 -8.17
CA ASN B 303 7.90 4.28 -8.89
C ASN B 303 9.19 5.07 -8.63
N PRO B 304 9.66 5.79 -9.64
CA PRO B 304 10.89 6.58 -9.53
C PRO B 304 11.03 7.54 -8.35
N LEU B 305 9.95 8.12 -7.84
CA LEU B 305 10.08 9.05 -6.72
C LEU B 305 10.45 8.33 -5.42
N ALA B 306 9.77 7.21 -5.17
CA ALA B 306 10.00 6.42 -3.97
C ALA B 306 11.41 5.83 -4.04
N MET B 307 11.80 5.35 -5.21
CA MET B 307 13.13 4.77 -5.40
C MET B 307 14.20 5.84 -5.13
N THR B 308 14.02 7.02 -5.72
CA THR B 308 14.97 8.11 -5.53
C THR B 308 15.15 8.45 -4.04
N ALA B 309 14.03 8.55 -3.31
CA ALA B 309 14.08 8.86 -1.89
C ALA B 309 14.78 7.75 -1.09
N GLY B 310 14.51 6.49 -1.44
CA GLY B 310 15.15 5.37 -0.75
C GLY B 310 16.65 5.34 -0.95
N ILE B 311 17.06 5.48 -2.21
CA ILE B 311 18.47 5.47 -2.58
C ILE B 311 19.23 6.56 -1.82
N LYS B 312 18.73 7.78 -1.86
CA LYS B 312 19.37 8.91 -1.19
C LYS B 312 19.44 8.70 0.32
N THR B 313 18.40 8.12 0.89
CA THR B 313 18.37 7.88 2.32
C THR B 313 19.42 6.84 2.72
N LEU B 314 19.54 5.78 1.94
CA LEU B 314 20.53 4.75 2.25
C LEU B 314 21.95 5.26 2.07
N GLU B 315 22.17 6.13 1.09
CA GLU B 315 23.53 6.66 0.91
C GLU B 315 23.93 7.49 2.13
N LEU B 316 22.99 8.24 2.67
CA LEU B 316 23.25 9.06 3.85
C LEU B 316 23.60 8.19 5.05
N LEU B 317 22.91 7.07 5.20
CA LEU B 317 23.12 6.15 6.31
C LEU B 317 24.45 5.40 6.22
N ARG B 318 24.98 5.29 5.00
CA ARG B 318 26.23 4.60 4.74
C ARG B 318 27.44 5.43 5.15
N GLN B 319 27.19 6.70 5.50
CA GLN B 319 28.27 7.61 5.92
C GLN B 319 28.87 7.19 7.25
N PRO B 320 30.11 7.62 7.52
CA PRO B 320 30.82 7.30 8.77
C PRO B 320 30.16 7.79 10.05
N GLY B 321 30.17 6.95 11.07
CA GLY B 321 29.63 7.32 12.37
C GLY B 321 28.15 7.46 12.53
N THR B 322 27.41 7.05 11.51
CA THR B 322 25.96 7.15 11.56
C THR B 322 25.30 6.44 12.74
N TYR B 323 25.47 5.13 12.83
CA TYR B 323 24.87 4.37 13.91
C TYR B 323 25.50 4.61 15.28
N GLU B 324 26.78 4.99 15.29
CA GLU B 324 27.46 5.28 16.55
C GLU B 324 26.79 6.51 17.16
N TYR B 325 26.55 7.52 16.33
CA TYR B 325 25.92 8.76 16.81
C TYR B 325 24.53 8.49 17.38
N LEU B 326 23.74 7.69 16.68
CA LEU B 326 22.39 7.34 17.11
C LEU B 326 22.40 6.65 18.47
N ASP B 327 23.27 5.66 18.61
CA ASP B 327 23.37 4.92 19.86
C ASP B 327 23.75 5.84 21.00
N GLN B 328 24.72 6.71 20.73
CA GLN B 328 25.21 7.66 21.71
C GLN B 328 24.15 8.60 22.27
N ILE B 329 23.48 9.35 21.40
CA ILE B 329 22.46 10.28 21.86
C ILE B 329 21.22 9.59 22.42
N THR B 330 20.91 8.39 21.95
CA THR B 330 19.72 7.70 22.43
C THR B 330 19.92 7.10 23.82
N LYS B 331 21.13 6.61 24.09
CA LYS B 331 21.44 6.05 25.39
C LYS B 331 21.39 7.18 26.41
N ARG B 332 21.92 8.32 26.02
CA ARG B 332 21.94 9.50 26.87
C ARG B 332 20.50 9.91 27.20
N LEU B 333 19.62 9.81 26.20
CA LEU B 333 18.22 10.17 26.39
C LEU B 333 17.55 9.13 27.31
N SER B 334 17.75 7.87 26.99
CA SER B 334 17.16 6.76 27.75
C SER B 334 17.59 6.74 29.21
N ASP B 335 18.88 6.69 29.48
CA ASP B 335 19.39 6.67 30.85
C ASP B 335 18.88 7.90 31.60
N GLY B 336 18.94 9.05 30.94
CA GLY B 336 18.47 10.28 31.56
C GLY B 336 17.04 10.20 32.01
N LEU B 337 16.17 9.63 31.16
CA LEU B 337 14.77 9.48 31.50
C LEU B 337 14.61 8.57 32.73
N LEU B 338 15.36 7.47 32.74
CA LEU B 338 15.29 6.53 33.85
C LEU B 338 15.88 7.09 35.15
N ALA B 339 16.85 7.98 35.03
CA ALA B 339 17.46 8.60 36.21
C ALA B 339 16.47 9.58 36.81
N ILE B 340 15.78 10.33 35.95
CA ILE B 340 14.80 11.31 36.40
C ILE B 340 13.56 10.68 37.04
N ALA B 341 13.16 9.52 36.54
CA ALA B 341 12.00 8.82 37.09
C ALA B 341 12.33 8.36 38.50
N GLN B 342 13.57 7.92 38.69
CA GLN B 342 14.03 7.43 39.98
C GLN B 342 14.11 8.60 40.96
N GLU B 343 14.79 9.66 40.54
CA GLU B 343 14.95 10.85 41.36
C GLU B 343 13.62 11.46 41.77
N THR B 344 12.60 11.33 40.93
CA THR B 344 11.29 11.90 41.25
C THR B 344 10.33 10.90 41.89
N GLY B 345 10.82 9.68 42.09
CA GLY B 345 10.00 8.67 42.74
C GLY B 345 9.01 7.88 41.92
N HIS B 346 9.21 7.78 40.61
CA HIS B 346 8.27 7.02 39.80
C HIS B 346 8.86 5.71 39.32
N ALA B 347 8.09 4.64 39.49
CA ALA B 347 8.53 3.32 39.04
C ALA B 347 8.56 3.31 37.52
N ALA B 348 9.70 2.95 36.95
CA ALA B 348 9.82 2.93 35.49
C ALA B 348 10.96 2.05 35.04
N CYS B 349 10.93 1.66 33.78
CA CYS B 349 11.97 0.85 33.18
C CYS B 349 11.97 1.13 31.68
N GLY B 350 13.00 0.68 30.98
CA GLY B 350 13.07 0.93 29.55
C GLY B 350 14.43 0.57 29.00
N GLY B 351 14.79 1.16 27.88
CA GLY B 351 16.07 0.86 27.28
C GLY B 351 16.10 1.32 25.85
N GLN B 352 17.19 1.00 25.17
CA GLN B 352 17.36 1.39 23.78
C GLN B 352 18.44 0.60 23.09
N VAL B 353 18.33 0.52 21.77
CA VAL B 353 19.31 -0.14 20.92
C VAL B 353 19.37 0.79 19.72
N SER B 354 20.54 1.37 19.47
CA SER B 354 20.70 2.31 18.37
C SER B 354 19.70 3.46 18.56
N GLY B 355 19.08 3.93 17.48
CA GLY B 355 18.12 5.02 17.59
C GLY B 355 16.68 4.62 17.85
N MET B 356 16.48 3.64 18.72
CA MET B 356 15.13 3.17 19.04
C MET B 356 15.06 2.93 20.56
N PHE B 357 14.09 3.56 21.22
CA PHE B 357 14.00 3.42 22.66
C PHE B 357 12.58 3.18 23.20
N GLY B 358 12.52 2.80 24.46
CA GLY B 358 11.25 2.56 25.11
C GLY B 358 11.31 3.05 26.55
N PHE B 359 10.16 3.38 27.11
CA PHE B 359 10.07 3.88 28.48
C PHE B 359 8.70 3.51 29.00
N PHE B 360 8.65 2.65 30.04
CA PHE B 360 7.38 2.21 30.63
C PHE B 360 7.21 2.66 32.08
N PHE B 361 6.00 3.07 32.44
CA PHE B 361 5.73 3.46 33.82
C PHE B 361 5.34 2.22 34.62
N THR B 362 6.35 1.39 34.91
CA THR B 362 6.21 0.15 35.67
C THR B 362 7.64 -0.30 35.98
N GLU B 363 7.83 -1.00 37.10
CA GLU B 363 9.17 -1.45 37.46
C GLU B 363 9.72 -2.54 36.54
N GLY B 364 8.82 -3.33 35.98
CA GLY B 364 9.23 -4.38 35.07
C GLY B 364 10.11 -5.44 35.69
N PRO B 365 11.08 -6.00 34.95
CA PRO B 365 11.39 -5.66 33.55
C PRO B 365 10.27 -6.13 32.62
N VAL B 366 10.29 -5.64 31.39
CA VAL B 366 9.29 -6.02 30.40
C VAL B 366 9.89 -7.00 29.39
N HIS B 367 9.37 -8.22 29.37
CA HIS B 367 9.83 -9.26 28.47
C HIS B 367 8.78 -9.60 27.43
N ASN B 368 7.54 -9.20 27.68
CA ASN B 368 6.47 -9.49 26.75
C ASN B 368 5.32 -8.49 26.86
N TYR B 369 4.31 -8.67 26.03
CA TYR B 369 3.15 -7.80 25.99
C TYR B 369 2.43 -7.78 27.34
N GLU B 370 2.28 -8.95 27.95
CA GLU B 370 1.61 -9.05 29.24
C GLU B 370 2.31 -8.17 30.29
N ASP B 371 3.64 -8.19 30.30
CA ASP B 371 4.37 -7.35 31.24
C ASP B 371 4.08 -5.89 30.93
N ALA B 372 4.20 -5.53 29.66
CA ALA B 372 3.96 -4.17 29.21
C ALA B 372 2.62 -3.61 29.68
N LYS B 373 1.61 -4.47 29.76
CA LYS B 373 0.29 -4.03 30.17
C LYS B 373 0.15 -3.67 31.65
N LYS B 374 1.19 -3.88 32.44
CA LYS B 374 1.12 -3.54 33.86
C LYS B 374 1.45 -2.06 34.05
N SER B 375 1.85 -1.39 32.97
CA SER B 375 2.18 0.02 33.02
C SER B 375 1.00 0.86 33.48
N ASP B 376 1.29 1.94 34.20
CA ASP B 376 0.26 2.85 34.68
C ASP B 376 -0.10 3.79 33.52
N LEU B 377 -1.12 3.41 32.76
CA LEU B 377 -1.57 4.20 31.61
C LEU B 377 -2.05 5.61 31.93
N GLN B 378 -2.65 5.80 33.10
CA GLN B 378 -3.14 7.12 33.47
C GLN B 378 -1.96 8.06 33.70
N LYS B 379 -0.89 7.53 34.27
CA LYS B 379 0.27 8.36 34.52
C LYS B 379 0.94 8.69 33.20
N PHE B 380 0.98 7.72 32.28
CA PHE B 380 1.59 7.96 30.97
C PHE B 380 0.83 9.08 30.27
N SER B 381 -0.50 9.04 30.39
CA SER B 381 -1.36 10.04 29.79
C SER B 381 -1.01 11.46 30.24
N ARG B 382 -0.84 11.64 31.56
CA ARG B 382 -0.49 12.95 32.10
C ARG B 382 0.93 13.32 31.70
N PHE B 383 1.82 12.33 31.71
CA PHE B 383 3.20 12.55 31.32
C PHE B 383 3.24 13.06 29.88
N HIS B 384 2.53 12.36 29.00
CA HIS B 384 2.47 12.72 27.60
C HIS B 384 1.95 14.13 27.36
N ARG B 385 0.86 14.49 28.03
CA ARG B 385 0.30 15.83 27.87
C ARG B 385 1.28 16.89 28.40
N GLY B 386 1.85 16.62 29.56
CA GLY B 386 2.78 17.55 30.16
C GLY B 386 3.99 17.80 29.28
N MET B 387 4.51 16.75 28.66
CA MET B 387 5.66 16.88 27.79
C MET B 387 5.29 17.68 26.54
N LEU B 388 4.10 17.43 26.05
CA LEU B 388 3.59 18.12 24.87
C LEU B 388 3.55 19.62 25.14
N GLU B 389 3.08 19.99 26.33
CA GLU B 389 2.98 21.39 26.73
C GLU B 389 4.37 21.99 26.91
N GLN B 390 5.35 21.14 27.13
CA GLN B 390 6.72 21.60 27.33
C GLN B 390 7.49 21.61 26.01
N GLY B 391 6.80 21.29 24.92
CA GLY B 391 7.42 21.30 23.60
C GLY B 391 8.10 20.02 23.15
N ILE B 392 7.69 18.89 23.72
CA ILE B 392 8.27 17.60 23.35
C ILE B 392 7.16 16.72 22.79
N TYR B 393 7.33 16.24 21.55
CA TYR B 393 6.31 15.39 20.94
C TYR B 393 6.72 13.91 21.02
N LEU B 394 5.97 13.13 21.78
CA LEU B 394 6.21 11.70 21.97
C LEU B 394 5.03 10.91 21.41
N ALA B 395 5.27 9.64 21.09
CA ALA B 395 4.20 8.79 20.55
C ALA B 395 3.03 8.81 21.53
N PRO B 396 1.81 9.07 21.04
CA PRO B 396 0.62 9.13 21.88
C PRO B 396 0.16 7.75 22.32
N SER B 397 1.08 6.95 22.86
CA SER B 397 0.75 5.62 23.33
C SER B 397 1.91 4.98 24.09
N GLN B 398 1.57 4.25 25.15
CA GLN B 398 2.57 3.58 25.96
C GLN B 398 3.11 2.36 25.21
N PHE B 399 2.36 1.90 24.22
CA PHE B 399 2.77 0.73 23.46
C PHE B 399 3.42 1.02 22.12
N GLU B 400 4.11 2.14 22.02
CA GLU B 400 4.80 2.50 20.79
C GLU B 400 6.23 2.90 21.14
N ALA B 401 7.20 2.33 20.44
CA ALA B 401 8.58 2.67 20.69
C ALA B 401 8.82 4.10 20.23
N GLY B 402 9.85 4.74 20.78
CA GLY B 402 10.18 6.11 20.39
C GLY B 402 11.33 6.08 19.39
N PHE B 403 11.53 7.17 18.67
CA PHE B 403 12.60 7.23 17.69
C PHE B 403 13.47 8.47 17.76
N THR B 404 14.72 8.28 17.39
CA THR B 404 15.72 9.32 17.38
C THR B 404 16.22 9.48 15.93
N SER B 405 16.82 10.62 15.61
CA SER B 405 17.31 10.84 14.25
C SER B 405 18.70 11.46 14.23
N LEU B 406 19.34 11.45 13.06
CA LEU B 406 20.67 12.02 12.91
C LEU B 406 20.61 13.54 13.03
N ALA B 407 19.41 14.11 12.98
CA ALA B 407 19.25 15.55 13.10
C ALA B 407 19.13 15.99 14.56
N HIS B 408 18.81 15.06 15.45
CA HIS B 408 18.71 15.43 16.87
C HIS B 408 20.10 15.79 17.38
N THR B 409 20.22 16.93 18.06
CA THR B 409 21.51 17.34 18.60
C THR B 409 21.60 17.05 20.08
N GLU B 410 22.80 17.18 20.63
CA GLU B 410 23.05 16.95 22.06
C GLU B 410 22.16 17.92 22.85
N GLU B 411 22.03 19.13 22.34
CA GLU B 411 21.21 20.14 23.00
C GLU B 411 19.73 19.79 22.99
N ASP B 412 19.24 19.19 21.90
CA ASP B 412 17.83 18.81 21.84
C ASP B 412 17.58 17.76 22.92
N ILE B 413 18.53 16.85 23.10
CA ILE B 413 18.43 15.81 24.11
C ILE B 413 18.35 16.44 25.50
N ASP B 414 19.29 17.33 25.79
CA ASP B 414 19.31 17.99 27.10
C ASP B 414 18.02 18.72 27.37
N ALA B 415 17.51 19.45 26.38
CA ALA B 415 16.26 20.18 26.52
C ALA B 415 15.09 19.24 26.82
N THR B 416 15.17 18.02 26.31
CA THR B 416 14.11 17.03 26.51
C THR B 416 14.16 16.50 27.94
N LEU B 417 15.38 16.34 28.45
CA LEU B 417 15.56 15.85 29.81
C LEU B 417 15.08 16.93 30.78
N ALA B 418 15.43 18.19 30.50
CA ALA B 418 15.01 19.30 31.34
C ALA B 418 13.48 19.35 31.40
N ALA B 419 12.85 19.11 30.26
CA ALA B 419 11.39 19.12 30.18
C ALA B 419 10.80 17.92 30.94
N ALA B 420 11.50 16.79 30.91
CA ALA B 420 11.03 15.58 31.58
C ALA B 420 11.08 15.74 33.10
N ARG B 421 12.07 16.48 33.58
CA ARG B 421 12.21 16.70 35.02
C ARG B 421 11.03 17.57 35.48
N THR B 422 10.79 18.66 34.76
CA THR B 422 9.68 19.56 35.08
C THR B 422 8.38 18.78 35.14
N VAL B 423 8.15 17.94 34.15
CA VAL B 423 6.93 17.16 34.07
C VAL B 423 6.80 16.11 35.18
N MET B 424 7.78 15.22 35.30
CA MET B 424 7.71 14.19 36.33
C MET B 424 7.71 14.73 37.76
N SER B 425 8.29 15.90 37.98
CA SER B 425 8.30 16.50 39.31
C SER B 425 6.85 16.75 39.74
N ALA B 426 5.98 16.99 38.76
CA ALA B 426 4.57 17.19 39.05
C ALA B 426 3.93 15.81 39.11
N LEU B 427 3.15 15.46 38.11
CA LEU B 427 2.51 14.14 38.04
C LEU B 427 1.92 13.65 39.36
N1 PMP C . -8.99 -2.65 -8.10
C2 PMP C . -8.94 -2.58 -9.51
C2A PMP C . -10.23 -2.57 -10.35
C3 PMP C . -7.70 -2.55 -10.13
O3 PMP C . -7.60 -2.49 -11.50
C4 PMP C . -6.52 -2.57 -9.36
C4A PMP C . -5.20 -2.52 -10.10
N4A PMP C . -4.67 -3.79 -10.06
C5 PMP C . -6.59 -2.62 -7.92
C6 PMP C . -7.83 -2.66 -7.32
C5A PMP C . -5.30 -2.66 -7.06
O4P PMP C . -4.54 -1.51 -7.33
P PMP C . -3.13 -1.18 -6.73
O1P PMP C . -2.01 -1.58 -7.53
O2P PMP C . -3.26 0.28 -6.53
O3P PMP C . -3.10 -2.05 -5.42
C1' GAB D . 1.79 -2.07 -12.37
O1' GAB D . 2.81 -2.44 -11.78
O2' GAB D . 2.22 -1.08 -13.16
C1 GAB D . 0.41 -2.54 -12.29
C2 GAB D . 0.01 -3.69 -11.35
C3 GAB D . -1.43 -4.07 -11.38
C4 GAB D . -2.39 -3.39 -12.23
C5 GAB D . -1.96 -2.36 -13.05
C6 GAB D . -0.55 -1.94 -13.08
N3 GAB D . -1.84 -5.06 -10.60
N1 PMP E . 5.21 -4.35 10.37
C2 PMP E . 5.68 -3.68 11.51
C2A PMP E . 6.66 -4.36 12.49
C3 PMP E . 5.24 -2.38 11.74
O3 PMP E . 5.68 -1.67 12.84
C4 PMP E . 4.35 -1.76 10.84
C4A PMP E . 3.91 -0.33 11.13
N4A PMP E . 3.34 -0.31 12.38
C5 PMP E . 3.89 -2.48 9.67
C6 PMP E . 4.33 -3.78 9.47
C5A PMP E . 2.91 -1.84 8.65
O4P PMP E . 3.48 -0.69 8.08
P PMP E . 2.77 0.26 7.05
O1P PMP E . 1.85 1.20 7.63
O2P PMP E . 3.93 0.85 6.38
O3P PMP E . 1.93 -0.75 6.19
#